data_2FV2
#
_entry.id   2FV2
#
_cell.length_a   68.508
_cell.length_b   68.963
_cell.length_c   69.361
_cell.angle_alpha   94.16
_cell.angle_beta   117.26
_cell.angle_gamma   91.91
#
_symmetry.space_group_name_H-M   'P 1'
#
loop_
_entity.id
_entity.type
_entity.pdbx_description
1 polymer 'RCD1 required for cell differentiation1 homolog'
2 non-polymer 'MANGANESE (II) ION'
3 water water
#
_entity_poly.entity_id   1
_entity_poly.type   'polypeptide(L)'
_entity_poly.pdbx_seq_one_letter_code
;DREKIYQWINELSSPETRENALLELSKKRESVPDLAPMLWHSFGTIAALLQEIVNIYPSINPPTLTAHQSNRVCNALALL
QCVASHPETRSAFLAAHIPLFLYPFLHTVSKTRPFEYLRLTSLGVIGALVKTDEQEVINFLLTTEIIPLCLRIMESGSEL
SKTVATFILQKILLDDTGLAYICQTYERFSHVAMILGKMVLQLSKEPSARLLKHVVRCYLRLSDNPRAREALRQCLPDQL
KDTTFAQVLKDDTTTKRWLAQLVKNLQE
;
_entity_poly.pdbx_strand_id   A,B,C,D
#
loop_
_chem_comp.id
_chem_comp.type
_chem_comp.name
_chem_comp.formula
MN non-polymer 'MANGANESE (II) ION' 'Mn 2'
#
# COMPACT_ATOMS: atom_id res chain seq x y z
N ARG A 2 -31.51 -6.41 1.01
CA ARG A 2 -31.25 -6.91 2.40
C ARG A 2 -32.13 -8.11 2.69
N GLU A 3 -33.27 -8.12 2.01
CA GLU A 3 -34.27 -9.19 2.11
C GLU A 3 -33.71 -10.57 2.50
N LYS A 4 -33.29 -11.33 1.51
CA LYS A 4 -32.77 -12.67 1.70
C LYS A 4 -31.33 -12.76 2.21
N ILE A 5 -30.57 -11.68 2.09
CA ILE A 5 -29.17 -11.66 2.53
C ILE A 5 -28.97 -12.12 3.97
N TYR A 6 -29.75 -11.56 4.89
CA TYR A 6 -29.64 -11.91 6.32
C TYR A 6 -30.01 -13.37 6.55
N GLN A 7 -31.13 -13.80 5.97
CA GLN A 7 -31.57 -15.17 6.13
C GLN A 7 -30.53 -16.15 5.61
N TRP A 8 -29.97 -15.88 4.43
CA TRP A 8 -28.97 -16.76 3.88
C TRP A 8 -27.75 -16.81 4.80
N ILE A 9 -27.25 -15.66 5.20
CA ILE A 9 -26.11 -15.60 6.08
C ILE A 9 -26.39 -16.46 7.32
N ASN A 10 -27.58 -16.32 7.88
CA ASN A 10 -27.97 -17.11 9.05
C ASN A 10 -28.06 -18.60 8.74
N GLU A 11 -28.45 -18.92 7.51
CA GLU A 11 -28.59 -20.33 7.11
C GLU A 11 -27.27 -21.05 6.89
N LEU A 12 -26.17 -20.30 6.90
CA LEU A 12 -24.83 -20.88 6.73
C LEU A 12 -24.43 -21.69 7.94
N SER A 13 -25.39 -21.95 8.83
CA SER A 13 -25.12 -22.71 10.04
C SER A 13 -25.36 -24.19 9.83
N SER A 14 -26.61 -24.64 9.99
CA SER A 14 -26.93 -26.04 9.82
C SER A 14 -26.55 -26.49 8.42
N PRO A 15 -25.62 -27.47 8.33
CA PRO A 15 -25.17 -27.98 7.04
C PRO A 15 -26.32 -28.45 6.14
N GLU A 16 -27.55 -28.40 6.66
CA GLU A 16 -28.71 -28.82 5.90
C GLU A 16 -29.19 -27.73 4.93
N THR A 17 -28.83 -26.48 5.22
CA THR A 17 -29.22 -25.35 4.39
C THR A 17 -28.03 -24.46 4.05
N ARG A 18 -26.83 -24.92 4.37
CA ARG A 18 -25.62 -24.15 4.11
C ARG A 18 -25.22 -24.13 2.63
N GLU A 19 -25.48 -25.22 1.91
CA GLU A 19 -25.11 -25.28 0.50
C GLU A 19 -25.85 -24.24 -0.35
N ASN A 20 -27.15 -24.11 -0.14
CA ASN A 20 -27.96 -23.15 -0.90
C ASN A 20 -27.54 -21.72 -0.57
N ALA A 21 -27.21 -21.49 0.70
CA ALA A 21 -26.78 -20.18 1.18
C ALA A 21 -25.46 -19.75 0.54
N LEU A 22 -24.50 -20.66 0.50
CA LEU A 22 -23.20 -20.36 -0.11
C LEU A 22 -23.40 -19.93 -1.54
N LEU A 23 -24.23 -20.68 -2.28
CA LEU A 23 -24.51 -20.36 -3.66
C LEU A 23 -25.23 -19.02 -3.79
N GLU A 24 -26.39 -18.90 -3.17
CA GLU A 24 -27.16 -17.66 -3.25
C GLU A 24 -26.29 -16.48 -2.83
N LEU A 25 -25.54 -16.64 -1.75
CA LEU A 25 -24.70 -15.55 -1.31
C LEU A 25 -23.57 -15.27 -2.30
N SER A 26 -22.95 -16.32 -2.82
CA SER A 26 -21.83 -16.14 -3.75
C SER A 26 -22.19 -15.27 -4.95
N LYS A 27 -23.40 -15.43 -5.47
CA LYS A 27 -23.82 -14.64 -6.63
C LYS A 27 -24.20 -13.19 -6.32
N LYS A 28 -24.87 -12.97 -5.18
CA LYS A 28 -25.30 -11.63 -4.80
C LYS A 28 -24.17 -10.80 -4.20
N ARG A 29 -22.99 -11.40 -4.12
CA ARG A 29 -21.83 -10.71 -3.56
C ARG A 29 -21.55 -9.34 -4.17
N GLU A 30 -21.40 -9.29 -5.48
CA GLU A 30 -21.11 -8.03 -6.17
C GLU A 30 -22.02 -6.91 -5.69
N SER A 31 -23.29 -7.24 -5.51
CA SER A 31 -24.28 -6.28 -5.04
C SER A 31 -23.93 -5.84 -3.64
N VAL A 32 -24.58 -6.45 -2.64
CA VAL A 32 -24.37 -6.15 -1.23
C VAL A 32 -22.94 -5.69 -0.93
N PRO A 33 -22.67 -4.38 -1.04
CA PRO A 33 -21.36 -3.78 -0.80
C PRO A 33 -20.79 -3.96 0.60
N ASP A 34 -21.66 -4.24 1.56
CA ASP A 34 -21.22 -4.44 2.93
C ASP A 34 -21.29 -5.90 3.34
N LEU A 35 -21.35 -6.81 2.37
CA LEU A 35 -21.44 -8.23 2.69
C LEU A 35 -20.27 -8.73 3.55
N ALA A 36 -19.07 -8.22 3.27
CA ALA A 36 -17.88 -8.65 4.02
C ALA A 36 -18.00 -8.44 5.52
N PRO A 37 -18.24 -7.20 5.99
CA PRO A 37 -18.36 -6.99 7.42
C PRO A 37 -19.53 -7.78 8.01
N MET A 38 -20.57 -7.97 7.20
CA MET A 38 -21.73 -8.74 7.65
C MET A 38 -21.28 -10.18 7.86
N LEU A 39 -20.54 -10.72 6.90
CA LEU A 39 -20.06 -12.09 7.00
C LEU A 39 -19.14 -12.24 8.20
N TRP A 40 -18.13 -11.38 8.26
CA TRP A 40 -17.15 -11.41 9.34
C TRP A 40 -17.76 -11.25 10.72
N HIS A 41 -18.58 -10.22 10.90
CA HIS A 41 -19.21 -9.96 12.19
C HIS A 41 -20.31 -10.93 12.58
N SER A 42 -20.69 -11.82 11.67
CA SER A 42 -21.75 -12.79 11.99
C SER A 42 -21.17 -13.99 12.76
N PHE A 43 -21.90 -14.42 13.79
CA PHE A 43 -21.48 -15.52 14.65
C PHE A 43 -21.33 -16.88 13.97
N GLY A 44 -20.11 -17.41 14.02
CA GLY A 44 -19.83 -18.72 13.44
C GLY A 44 -19.80 -18.81 11.93
N THR A 45 -20.04 -17.70 11.26
CA THR A 45 -20.06 -17.68 9.80
C THR A 45 -18.68 -17.91 9.15
N ILE A 46 -17.65 -17.21 9.62
CA ILE A 46 -16.33 -17.39 9.08
C ILE A 46 -15.88 -18.84 9.30
N ALA A 47 -16.12 -19.35 10.51
CA ALA A 47 -15.77 -20.73 10.85
C ALA A 47 -16.46 -21.71 9.90
N ALA A 48 -17.70 -21.38 9.54
CA ALA A 48 -18.48 -22.23 8.65
C ALA A 48 -17.80 -22.28 7.27
N LEU A 49 -17.30 -21.14 6.83
CA LEU A 49 -16.59 -21.06 5.55
C LEU A 49 -15.28 -21.86 5.59
N LEU A 50 -14.53 -21.72 6.68
CA LEU A 50 -13.28 -22.47 6.80
C LEU A 50 -13.56 -23.96 6.90
N GLN A 51 -14.71 -24.30 7.46
CA GLN A 51 -15.13 -25.69 7.62
C GLN A 51 -15.23 -26.31 6.22
N GLU A 52 -15.83 -25.56 5.30
CA GLU A 52 -16.00 -25.98 3.91
C GLU A 52 -14.66 -26.24 3.24
N ILE A 53 -13.67 -25.40 3.55
CA ILE A 53 -12.35 -25.52 2.96
C ILE A 53 -11.67 -26.78 3.44
N VAL A 54 -11.65 -26.93 4.76
CA VAL A 54 -11.03 -28.07 5.41
C VAL A 54 -11.66 -29.43 5.06
N ASN A 55 -12.97 -29.45 4.82
CA ASN A 55 -13.68 -30.69 4.48
C ASN A 55 -13.14 -31.41 3.25
N ILE A 56 -12.62 -30.67 2.27
CA ILE A 56 -12.10 -31.30 1.05
C ILE A 56 -10.60 -31.57 1.02
N TYR A 57 -9.88 -31.24 2.09
CA TYR A 57 -8.44 -31.47 2.09
C TYR A 57 -8.02 -32.87 1.63
N PRO A 58 -8.75 -33.93 2.05
CA PRO A 58 -8.34 -35.27 1.60
C PRO A 58 -8.54 -35.58 0.11
N SER A 59 -9.50 -34.90 -0.52
CA SER A 59 -9.79 -35.09 -1.93
C SER A 59 -8.82 -34.34 -2.83
N ILE A 60 -8.03 -33.48 -2.22
CA ILE A 60 -7.06 -32.67 -2.94
C ILE A 60 -5.79 -33.44 -3.37
N ASN A 61 -5.49 -34.52 -2.65
CA ASN A 61 -4.32 -35.34 -2.94
C ASN A 61 -4.37 -36.56 -2.03
N PRO A 62 -4.54 -37.77 -2.61
CA PRO A 62 -4.67 -38.06 -4.05
C PRO A 62 -5.71 -37.16 -4.69
N PRO A 63 -5.45 -36.68 -5.91
CA PRO A 63 -6.36 -35.79 -6.63
C PRO A 63 -7.65 -36.43 -7.10
N THR A 64 -8.67 -36.39 -6.26
CA THR A 64 -9.96 -36.97 -6.62
C THR A 64 -11.10 -35.96 -6.48
N LEU A 65 -10.76 -34.68 -6.33
CA LEU A 65 -11.77 -33.62 -6.18
C LEU A 65 -12.74 -33.61 -7.35
N THR A 66 -14.03 -33.73 -7.08
CA THR A 66 -15.03 -33.71 -8.15
C THR A 66 -15.45 -32.29 -8.50
N ALA A 67 -16.16 -32.14 -9.61
CA ALA A 67 -16.62 -30.83 -10.04
C ALA A 67 -17.52 -30.22 -8.98
N HIS A 68 -18.41 -31.04 -8.43
CA HIS A 68 -19.34 -30.59 -7.39
C HIS A 68 -18.63 -30.09 -6.13
N GLN A 69 -17.63 -30.84 -5.67
CA GLN A 69 -16.88 -30.46 -4.47
C GLN A 69 -16.22 -29.12 -4.72
N SER A 70 -15.56 -29.00 -5.87
CA SER A 70 -14.85 -27.79 -6.24
C SER A 70 -15.78 -26.57 -6.31
N ASN A 71 -16.95 -26.75 -6.89
CA ASN A 71 -17.91 -25.66 -7.03
C ASN A 71 -18.40 -25.13 -5.69
N ARG A 72 -18.76 -26.03 -4.79
CA ARG A 72 -19.25 -25.64 -3.47
C ARG A 72 -18.17 -24.95 -2.66
N VAL A 73 -16.99 -25.53 -2.61
CA VAL A 73 -15.90 -24.92 -1.87
C VAL A 73 -15.55 -23.55 -2.48
N CYS A 74 -15.57 -23.45 -3.80
CA CYS A 74 -15.25 -22.19 -4.46
C CYS A 74 -16.28 -21.09 -4.13
N ASN A 75 -17.50 -21.52 -3.79
CA ASN A 75 -18.55 -20.58 -3.39
C ASN A 75 -18.08 -19.96 -2.08
N ALA A 76 -17.62 -20.82 -1.17
CA ALA A 76 -17.11 -20.37 0.12
C ALA A 76 -15.91 -19.45 -0.08
N LEU A 77 -15.00 -19.85 -0.98
CA LEU A 77 -13.82 -19.05 -1.28
C LEU A 77 -14.16 -17.66 -1.84
N ALA A 78 -15.24 -17.56 -2.61
CA ALA A 78 -15.66 -16.29 -3.18
C ALA A 78 -16.13 -15.34 -2.07
N LEU A 79 -16.74 -15.91 -1.04
CA LEU A 79 -17.18 -15.12 0.09
C LEU A 79 -15.96 -14.67 0.89
N LEU A 80 -14.92 -15.51 0.94
CA LEU A 80 -13.70 -15.16 1.65
C LEU A 80 -12.95 -14.08 0.87
N GLN A 81 -13.02 -14.11 -0.45
CA GLN A 81 -12.35 -13.09 -1.23
C GLN A 81 -13.01 -11.78 -0.91
N CYS A 82 -14.33 -11.85 -0.78
CA CYS A 82 -15.14 -10.70 -0.47
C CYS A 82 -14.61 -10.10 0.83
N VAL A 83 -14.40 -10.95 1.84
CA VAL A 83 -13.91 -10.52 3.12
C VAL A 83 -12.46 -9.99 3.04
N ALA A 84 -11.69 -10.53 2.10
CA ALA A 84 -10.29 -10.14 1.96
C ALA A 84 -10.04 -8.76 1.36
N SER A 85 -10.99 -8.26 0.56
CA SER A 85 -10.79 -6.95 -0.06
C SER A 85 -11.57 -5.80 0.56
N HIS A 86 -12.42 -6.07 1.55
CA HIS A 86 -13.17 -5.00 2.19
C HIS A 86 -12.27 -4.29 3.18
N PRO A 87 -12.20 -2.95 3.09
CA PRO A 87 -11.36 -2.14 3.99
C PRO A 87 -11.59 -2.39 5.47
N GLU A 88 -12.85 -2.68 5.83
CA GLU A 88 -13.21 -2.92 7.21
C GLU A 88 -12.89 -4.31 7.72
N THR A 89 -12.63 -5.25 6.81
CA THR A 89 -12.33 -6.63 7.21
C THR A 89 -10.95 -7.14 6.77
N ARG A 90 -10.36 -6.44 5.82
CA ARG A 90 -9.06 -6.78 5.26
C ARG A 90 -7.94 -7.10 6.26
N SER A 91 -7.66 -6.17 7.17
CA SER A 91 -6.60 -6.37 8.16
C SER A 91 -6.82 -7.51 9.14
N ALA A 92 -8.06 -7.67 9.61
CA ALA A 92 -8.37 -8.76 10.54
C ALA A 92 -8.26 -10.09 9.80
N PHE A 93 -8.68 -10.10 8.55
CA PHE A 93 -8.62 -11.30 7.71
C PHE A 93 -7.18 -11.81 7.73
N LEU A 94 -6.22 -10.88 7.74
CA LEU A 94 -4.81 -11.24 7.74
C LEU A 94 -4.38 -11.77 9.09
N ALA A 95 -4.94 -11.20 10.16
CA ALA A 95 -4.60 -11.64 11.51
C ALA A 95 -5.02 -13.09 11.67
N ALA A 96 -6.17 -13.43 11.10
CA ALA A 96 -6.69 -14.78 11.17
C ALA A 96 -5.87 -15.75 10.30
N HIS A 97 -4.82 -15.25 9.66
CA HIS A 97 -3.97 -16.07 8.79
C HIS A 97 -4.77 -17.00 7.91
N ILE A 98 -5.97 -16.58 7.53
CA ILE A 98 -6.86 -17.38 6.72
C ILE A 98 -6.22 -17.84 5.40
N PRO A 99 -5.41 -16.97 4.77
CA PRO A 99 -4.80 -17.42 3.52
C PRO A 99 -4.03 -18.73 3.65
N LEU A 100 -3.57 -19.05 4.86
CA LEU A 100 -2.84 -20.29 5.09
C LEU A 100 -3.74 -21.51 4.83
N PHE A 101 -5.06 -21.31 4.85
CA PHE A 101 -5.97 -22.41 4.58
C PHE A 101 -6.07 -22.70 3.08
N LEU A 102 -5.65 -21.75 2.27
CA LEU A 102 -5.71 -21.90 0.83
C LEU A 102 -4.45 -22.49 0.20
N TYR A 103 -3.33 -22.45 0.93
CA TYR A 103 -2.08 -22.96 0.40
C TYR A 103 -2.13 -24.40 -0.08
N PRO A 104 -2.73 -25.31 0.68
CA PRO A 104 -2.75 -26.69 0.15
C PRO A 104 -3.45 -26.72 -1.22
N PHE A 105 -4.43 -25.84 -1.43
CA PHE A 105 -5.13 -25.75 -2.71
C PHE A 105 -4.13 -25.26 -3.76
N LEU A 106 -3.38 -24.22 -3.41
CA LEU A 106 -2.41 -23.67 -4.33
C LEU A 106 -1.28 -24.64 -4.68
N HIS A 107 -1.02 -25.62 -3.81
CA HIS A 107 0.05 -26.60 -4.04
C HIS A 107 -0.34 -27.70 -5.04
N THR A 108 -1.64 -27.93 -5.22
CA THR A 108 -2.10 -28.96 -6.14
C THR A 108 -1.56 -28.68 -7.55
N VAL A 109 -1.38 -29.74 -8.35
CA VAL A 109 -0.88 -29.58 -9.71
C VAL A 109 -1.77 -30.25 -10.75
N SER A 110 -2.77 -30.98 -10.30
CA SER A 110 -3.69 -31.65 -11.22
C SER A 110 -4.24 -30.69 -12.27
N LYS A 111 -4.51 -31.22 -13.46
CA LYS A 111 -5.00 -30.44 -14.59
C LYS A 111 -6.51 -30.38 -14.78
N THR A 112 -7.25 -31.30 -14.17
CA THR A 112 -8.71 -31.31 -14.34
C THR A 112 -9.31 -29.93 -14.05
N ARG A 113 -10.46 -29.65 -14.65
CA ARG A 113 -11.07 -28.36 -14.42
C ARG A 113 -11.44 -28.09 -12.97
N PRO A 114 -11.86 -29.13 -12.23
CA PRO A 114 -12.21 -28.90 -10.83
C PRO A 114 -11.02 -28.29 -10.06
N PHE A 115 -9.84 -28.85 -10.29
CA PHE A 115 -8.64 -28.33 -9.64
C PHE A 115 -8.21 -26.98 -10.18
N GLU A 116 -8.31 -26.78 -11.50
CA GLU A 116 -7.91 -25.50 -12.06
C GLU A 116 -8.82 -24.40 -11.54
N TYR A 117 -10.11 -24.70 -11.38
CA TYR A 117 -11.07 -23.73 -10.88
C TYR A 117 -10.78 -23.45 -9.41
N LEU A 118 -10.42 -24.49 -8.67
CA LEU A 118 -10.11 -24.37 -7.26
C LEU A 118 -8.91 -23.42 -7.06
N ARG A 119 -7.87 -23.65 -7.85
CA ARG A 119 -6.65 -22.85 -7.80
C ARG A 119 -6.88 -21.40 -8.23
N LEU A 120 -7.63 -21.21 -9.31
CA LEU A 120 -7.91 -19.86 -9.80
C LEU A 120 -8.68 -19.06 -8.75
N THR A 121 -9.69 -19.66 -8.14
CA THR A 121 -10.49 -18.98 -7.12
C THR A 121 -9.65 -18.69 -5.86
N SER A 122 -8.75 -19.61 -5.53
CA SER A 122 -7.87 -19.43 -4.38
C SER A 122 -6.95 -18.25 -4.62
N LEU A 123 -6.43 -18.16 -5.85
CA LEU A 123 -5.55 -17.08 -6.20
C LEU A 123 -6.29 -15.75 -6.16
N GLY A 124 -7.60 -15.79 -6.42
CA GLY A 124 -8.41 -14.59 -6.40
C GLY A 124 -8.49 -14.00 -5.00
N VAL A 125 -8.51 -14.85 -3.97
CA VAL A 125 -8.56 -14.37 -2.60
C VAL A 125 -7.26 -13.61 -2.29
N ILE A 126 -6.13 -14.23 -2.62
CA ILE A 126 -4.82 -13.65 -2.39
C ILE A 126 -4.63 -12.32 -3.15
N GLY A 127 -5.04 -12.31 -4.42
CA GLY A 127 -4.92 -11.11 -5.23
C GLY A 127 -5.71 -9.95 -4.64
N ALA A 128 -6.87 -10.25 -4.08
CA ALA A 128 -7.69 -9.21 -3.47
C ALA A 128 -7.04 -8.76 -2.17
N LEU A 129 -6.27 -9.66 -1.55
CA LEU A 129 -5.57 -9.35 -0.30
C LEU A 129 -4.47 -8.31 -0.53
N VAL A 130 -3.74 -8.47 -1.64
CA VAL A 130 -2.63 -7.59 -1.97
C VAL A 130 -3.03 -6.44 -2.88
N LYS A 131 -4.33 -6.25 -3.07
CA LYS A 131 -4.77 -5.17 -3.92
C LYS A 131 -4.41 -3.80 -3.36
N THR A 132 -4.31 -3.69 -2.05
CA THR A 132 -4.01 -2.39 -1.43
C THR A 132 -2.57 -2.12 -0.96
N ASP A 133 -1.67 -3.07 -1.19
CA ASP A 133 -0.27 -2.87 -0.82
C ASP A 133 0.09 -2.70 0.65
N GLU A 134 -0.71 -3.25 1.57
CA GLU A 134 -0.37 -3.11 2.98
C GLU A 134 0.97 -3.80 3.23
N GLN A 135 1.90 -3.11 3.87
CA GLN A 135 3.21 -3.70 4.13
C GLN A 135 3.08 -5.07 4.80
N GLU A 136 2.17 -5.16 5.76
CA GLU A 136 1.99 -6.40 6.51
C GLU A 136 1.52 -7.60 5.68
N VAL A 137 0.76 -7.37 4.61
CA VAL A 137 0.29 -8.50 3.82
C VAL A 137 1.45 -9.05 2.99
N ILE A 138 2.30 -8.17 2.50
CA ILE A 138 3.45 -8.62 1.71
C ILE A 138 4.36 -9.45 2.61
N ASN A 139 4.68 -8.91 3.80
CA ASN A 139 5.54 -9.62 4.74
C ASN A 139 4.91 -10.93 5.17
N PHE A 140 3.58 -10.98 5.18
CA PHE A 140 2.89 -12.21 5.54
C PHE A 140 3.13 -13.23 4.43
N LEU A 141 2.88 -12.81 3.20
CA LEU A 141 3.06 -13.69 2.03
C LEU A 141 4.50 -14.15 1.85
N LEU A 142 5.45 -13.27 2.15
CA LEU A 142 6.85 -13.61 2.03
C LEU A 142 7.22 -14.74 3.00
N THR A 143 6.96 -14.50 4.28
CA THR A 143 7.33 -15.46 5.32
C THR A 143 6.57 -16.78 5.35
N THR A 144 5.44 -16.85 4.64
CA THR A 144 4.67 -18.09 4.59
C THR A 144 4.98 -18.93 3.35
N GLU A 145 5.95 -18.47 2.56
CA GLU A 145 6.40 -19.16 1.36
C GLU A 145 5.38 -19.25 0.21
N ILE A 146 4.64 -18.19 -0.03
CA ILE A 146 3.67 -18.27 -1.11
C ILE A 146 4.35 -18.14 -2.48
N ILE A 147 5.48 -17.45 -2.53
CA ILE A 147 6.20 -17.26 -3.78
C ILE A 147 6.41 -18.54 -4.60
N PRO A 148 7.07 -19.56 -4.01
CA PRO A 148 7.25 -20.78 -4.82
C PRO A 148 5.94 -21.34 -5.38
N LEU A 149 4.84 -21.16 -4.67
CA LEU A 149 3.54 -21.65 -5.12
C LEU A 149 3.11 -20.85 -6.35
N CYS A 150 3.34 -19.55 -6.30
CA CYS A 150 2.98 -18.67 -7.40
C CYS A 150 3.82 -18.97 -8.64
N LEU A 151 5.11 -19.20 -8.42
CA LEU A 151 6.06 -19.50 -9.49
C LEU A 151 5.68 -20.75 -10.27
N ARG A 152 5.37 -21.82 -9.55
CA ARG A 152 4.97 -23.06 -10.19
C ARG A 152 3.74 -22.86 -11.05
N ILE A 153 2.76 -22.12 -10.52
CA ILE A 153 1.53 -21.85 -11.24
C ILE A 153 1.79 -21.02 -12.50
N MET A 154 2.58 -19.96 -12.37
CA MET A 154 2.90 -19.10 -13.52
C MET A 154 3.58 -20.00 -14.56
N GLU A 155 4.31 -20.98 -14.04
CA GLU A 155 5.06 -21.90 -14.87
C GLU A 155 4.27 -23.01 -15.55
N SER A 156 3.13 -23.42 -14.99
CA SER A 156 2.38 -24.50 -15.62
C SER A 156 0.88 -24.52 -15.41
N GLY A 157 0.30 -23.37 -15.05
CA GLY A 157 -1.15 -23.32 -14.84
C GLY A 157 -1.90 -22.77 -16.04
N SER A 158 -3.22 -22.60 -15.89
CA SER A 158 -4.02 -22.06 -16.98
C SER A 158 -3.66 -20.58 -17.15
N GLU A 159 -3.93 -20.06 -18.34
CA GLU A 159 -3.64 -18.66 -18.67
C GLU A 159 -4.25 -17.73 -17.63
N LEU A 160 -5.46 -18.07 -17.20
CA LEU A 160 -6.16 -17.27 -16.21
C LEU A 160 -5.40 -17.30 -14.88
N SER A 161 -5.10 -18.49 -14.39
CA SER A 161 -4.38 -18.65 -13.15
C SER A 161 -2.98 -18.03 -13.20
N LYS A 162 -2.32 -18.11 -14.35
CA LYS A 162 -0.98 -17.54 -14.50
C LYS A 162 -1.04 -16.02 -14.38
N THR A 163 -2.13 -15.44 -14.84
CA THR A 163 -2.29 -13.99 -14.81
C THR A 163 -2.38 -13.49 -13.36
N VAL A 164 -3.20 -14.16 -12.56
CA VAL A 164 -3.36 -13.75 -11.17
C VAL A 164 -2.11 -14.05 -10.36
N ALA A 165 -1.44 -15.17 -10.65
CA ALA A 165 -0.23 -15.49 -9.91
C ALA A 165 0.85 -14.46 -10.19
N THR A 166 0.94 -14.02 -11.44
CA THR A 166 1.94 -13.04 -11.81
C THR A 166 1.61 -11.70 -11.19
N PHE A 167 0.32 -11.37 -11.16
CA PHE A 167 -0.14 -10.12 -10.55
C PHE A 167 0.29 -10.12 -9.07
N ILE A 168 0.16 -11.26 -8.40
CA ILE A 168 0.56 -11.37 -7.00
C ILE A 168 2.07 -11.14 -6.85
N LEU A 169 2.85 -11.81 -7.68
CA LEU A 169 4.30 -11.64 -7.66
C LEU A 169 4.64 -10.19 -7.96
N GLN A 170 3.82 -9.57 -8.81
CA GLN A 170 4.02 -8.16 -9.19
C GLN A 170 3.87 -7.26 -7.96
N LYS A 171 2.80 -7.49 -7.20
CA LYS A 171 2.54 -6.69 -6.01
C LYS A 171 3.68 -6.89 -5.01
N ILE A 172 4.07 -8.14 -4.81
CA ILE A 172 5.17 -8.44 -3.88
C ILE A 172 6.42 -7.71 -4.32
N LEU A 173 6.71 -7.76 -5.62
CA LEU A 173 7.88 -7.07 -6.18
C LEU A 173 7.80 -5.55 -6.03
N LEU A 174 6.60 -5.00 -6.15
CA LEU A 174 6.41 -3.54 -6.02
C LEU A 174 6.93 -2.98 -4.70
N ASP A 175 6.72 -3.72 -3.62
CA ASP A 175 7.18 -3.28 -2.31
C ASP A 175 8.71 -3.47 -2.20
N ASP A 176 9.40 -2.53 -1.57
CA ASP A 176 10.86 -2.62 -1.44
C ASP A 176 11.35 -3.91 -0.80
N THR A 177 10.65 -4.38 0.23
CA THR A 177 11.01 -5.60 0.94
C THR A 177 10.85 -6.81 0.01
N GLY A 178 9.71 -6.90 -0.66
CA GLY A 178 9.48 -8.00 -1.58
C GLY A 178 10.54 -8.04 -2.67
N LEU A 179 10.89 -6.87 -3.20
CA LEU A 179 11.88 -6.78 -4.26
C LEU A 179 13.25 -7.22 -3.76
N ALA A 180 13.62 -6.75 -2.58
CA ALA A 180 14.90 -7.09 -1.98
C ALA A 180 14.98 -8.59 -1.65
N TYR A 181 13.84 -9.17 -1.25
CA TYR A 181 13.77 -10.57 -0.90
C TYR A 181 13.99 -11.47 -2.12
N ILE A 182 13.30 -11.17 -3.21
CA ILE A 182 13.45 -11.96 -4.42
C ILE A 182 14.85 -11.86 -5.06
N CYS A 183 15.52 -10.72 -4.87
CA CYS A 183 16.84 -10.48 -5.42
C CYS A 183 17.97 -10.75 -4.40
N GLN A 184 17.65 -11.32 -3.25
CA GLN A 184 18.68 -11.55 -2.24
C GLN A 184 19.80 -12.52 -2.68
N THR A 185 19.48 -13.49 -3.54
CA THR A 185 20.49 -14.41 -4.03
C THR A 185 20.28 -14.59 -5.52
N TYR A 186 21.36 -14.88 -6.25
CA TYR A 186 21.26 -15.08 -7.69
C TYR A 186 20.28 -16.20 -8.02
N GLU A 187 20.27 -17.23 -7.17
CA GLU A 187 19.38 -18.37 -7.36
C GLU A 187 17.88 -18.06 -7.32
N ARG A 188 17.47 -17.22 -6.38
CA ARG A 188 16.07 -16.87 -6.25
C ARG A 188 15.66 -15.94 -7.39
N PHE A 189 16.55 -15.00 -7.75
CA PHE A 189 16.30 -14.09 -8.85
C PHE A 189 16.21 -14.85 -10.17
N SER A 190 17.20 -15.72 -10.37
CA SER A 190 17.31 -16.52 -11.58
C SER A 190 16.10 -17.44 -11.78
N HIS A 191 15.56 -17.94 -10.69
CA HIS A 191 14.39 -18.81 -10.74
C HIS A 191 13.23 -18.03 -11.32
N VAL A 192 13.03 -16.83 -10.78
CA VAL A 192 11.95 -15.95 -11.22
C VAL A 192 12.18 -15.46 -12.65
N ALA A 193 13.41 -15.06 -12.94
CA ALA A 193 13.74 -14.58 -14.26
C ALA A 193 13.56 -15.68 -15.30
N MET A 194 13.93 -16.91 -14.93
CA MET A 194 13.79 -18.03 -15.85
C MET A 194 12.32 -18.26 -16.19
N ILE A 195 11.46 -18.15 -15.19
CA ILE A 195 10.05 -18.38 -15.41
C ILE A 195 9.45 -17.25 -16.25
N LEU A 196 9.76 -16.01 -15.90
CA LEU A 196 9.23 -14.89 -16.67
C LEU A 196 9.75 -15.02 -18.10
N GLY A 197 10.92 -15.64 -18.24
CA GLY A 197 11.53 -15.84 -19.54
C GLY A 197 10.69 -16.75 -20.41
N LYS A 198 10.41 -17.96 -19.94
CA LYS A 198 9.60 -18.86 -20.74
C LYS A 198 8.22 -18.26 -21.00
N MET A 199 7.74 -17.43 -20.08
CA MET A 199 6.43 -16.79 -20.25
C MET A 199 6.50 -15.81 -21.42
N VAL A 200 7.64 -15.13 -21.56
CA VAL A 200 7.86 -14.17 -22.64
C VAL A 200 8.02 -14.87 -23.99
N LEU A 201 8.33 -16.16 -23.97
CA LEU A 201 8.49 -16.90 -25.23
C LEU A 201 7.14 -17.42 -25.76
N GLN A 202 6.34 -18.02 -24.91
CA GLN A 202 5.05 -18.55 -25.34
C GLN A 202 4.04 -17.45 -25.61
N LEU A 203 4.17 -16.35 -24.88
CA LEU A 203 3.29 -15.19 -25.02
C LEU A 203 3.52 -14.55 -26.39
N SER A 204 4.72 -14.73 -26.93
CA SER A 204 5.07 -14.17 -28.23
C SER A 204 4.47 -14.98 -29.37
N LYS A 205 3.94 -16.16 -29.06
CA LYS A 205 3.31 -17.01 -30.06
C LYS A 205 1.84 -17.21 -29.71
N GLU A 206 1.52 -17.01 -28.44
CA GLU A 206 0.16 -17.11 -27.97
C GLU A 206 -0.10 -15.90 -27.07
N PRO A 207 -0.33 -14.74 -27.70
CA PRO A 207 -0.59 -13.47 -27.04
C PRO A 207 -1.65 -13.48 -25.94
N SER A 208 -1.45 -12.61 -24.95
CA SER A 208 -2.35 -12.44 -23.82
C SER A 208 -2.03 -11.09 -23.20
N ALA A 209 -2.91 -10.13 -23.43
CA ALA A 209 -2.74 -8.77 -22.94
C ALA A 209 -2.45 -8.64 -21.45
N ARG A 210 -3.40 -9.06 -20.62
CA ARG A 210 -3.24 -9.00 -19.18
C ARG A 210 -1.93 -9.64 -18.73
N LEU A 211 -1.71 -10.90 -19.09
CA LEU A 211 -0.50 -11.59 -18.68
C LEU A 211 0.75 -10.84 -19.14
N LEU A 212 0.76 -10.39 -20.40
CA LEU A 212 1.89 -9.64 -20.93
C LEU A 212 2.12 -8.37 -20.11
N LYS A 213 1.05 -7.70 -19.72
CA LYS A 213 1.18 -6.48 -18.93
C LYS A 213 1.91 -6.77 -17.61
N HIS A 214 1.47 -7.80 -16.88
CA HIS A 214 2.07 -8.15 -15.61
C HIS A 214 3.52 -8.63 -15.72
N VAL A 215 3.85 -9.34 -16.80
CA VAL A 215 5.21 -9.82 -16.98
C VAL A 215 6.12 -8.62 -17.17
N VAL A 216 5.63 -7.60 -17.87
CA VAL A 216 6.44 -6.41 -18.11
C VAL A 216 6.65 -5.63 -16.83
N ARG A 217 5.62 -5.51 -16.02
CA ARG A 217 5.76 -4.76 -14.78
C ARG A 217 6.79 -5.44 -13.90
N CYS A 218 6.69 -6.77 -13.80
CA CYS A 218 7.63 -7.55 -13.01
C CYS A 218 9.05 -7.30 -13.47
N TYR A 219 9.30 -7.44 -14.78
CA TYR A 219 10.64 -7.19 -15.27
C TYR A 219 11.08 -5.77 -14.95
N LEU A 220 10.21 -4.80 -15.20
CA LEU A 220 10.52 -3.40 -14.92
C LEU A 220 10.90 -3.23 -13.44
N ARG A 221 10.06 -3.76 -12.56
CA ARG A 221 10.33 -3.64 -11.13
C ARG A 221 11.69 -4.27 -10.77
N LEU A 222 11.98 -5.45 -11.32
CA LEU A 222 13.26 -6.10 -11.04
C LEU A 222 14.44 -5.22 -11.50
N SER A 223 14.23 -4.44 -12.55
CA SER A 223 15.29 -3.56 -13.05
C SER A 223 15.62 -2.43 -12.07
N ASP A 224 14.89 -2.35 -10.96
CA ASP A 224 15.16 -1.35 -9.95
C ASP A 224 16.28 -1.83 -9.03
N ASN A 225 16.43 -3.15 -8.91
CA ASN A 225 17.49 -3.71 -8.08
C ASN A 225 18.74 -3.70 -8.95
N PRO A 226 19.86 -3.18 -8.40
CA PRO A 226 21.13 -3.11 -9.14
C PRO A 226 21.63 -4.42 -9.73
N ARG A 227 21.61 -5.50 -8.95
CA ARG A 227 22.12 -6.77 -9.45
C ARG A 227 21.21 -7.44 -10.48
N ALA A 228 19.90 -7.35 -10.28
CA ALA A 228 18.95 -7.93 -11.22
C ALA A 228 19.05 -7.15 -12.54
N ARG A 229 19.31 -5.86 -12.44
CA ARG A 229 19.45 -5.00 -13.62
C ARG A 229 20.65 -5.49 -14.41
N GLU A 230 21.75 -5.73 -13.70
CA GLU A 230 22.98 -6.21 -14.32
C GLU A 230 22.69 -7.54 -15.00
N ALA A 231 22.12 -8.46 -14.23
CA ALA A 231 21.77 -9.78 -14.77
C ALA A 231 20.91 -9.65 -16.03
N LEU A 232 19.84 -8.85 -15.92
CA LEU A 232 18.92 -8.62 -17.02
C LEU A 232 19.59 -7.98 -18.23
N ARG A 233 20.77 -7.41 -18.03
CA ARG A 233 21.49 -6.82 -19.14
C ARG A 233 21.91 -7.93 -20.07
N GLN A 234 22.02 -9.14 -19.52
CA GLN A 234 22.39 -10.31 -20.30
C GLN A 234 21.24 -11.29 -20.51
N CYS A 235 20.34 -11.41 -19.52
CA CYS A 235 19.25 -12.37 -19.65
C CYS A 235 17.85 -11.87 -20.01
N LEU A 236 17.70 -10.58 -20.28
CA LEU A 236 16.38 -10.10 -20.66
C LEU A 236 16.06 -10.68 -22.04
N PRO A 237 14.99 -11.48 -22.16
CA PRO A 237 14.62 -12.08 -23.44
C PRO A 237 14.62 -11.11 -24.62
N ASP A 238 15.14 -11.56 -25.76
CA ASP A 238 15.23 -10.74 -26.97
C ASP A 238 13.88 -10.18 -27.42
N GLN A 239 12.82 -10.97 -27.25
CA GLN A 239 11.48 -10.55 -27.65
C GLN A 239 11.02 -9.26 -26.98
N LEU A 240 11.64 -8.93 -25.85
CA LEU A 240 11.27 -7.70 -25.14
C LEU A 240 12.08 -6.52 -25.67
N LYS A 241 13.10 -6.81 -26.48
CA LYS A 241 13.93 -5.76 -27.06
C LYS A 241 13.66 -5.63 -28.56
N ASP A 242 13.31 -6.74 -29.19
CA ASP A 242 12.97 -6.71 -30.62
C ASP A 242 11.69 -5.89 -30.70
N THR A 243 10.95 -6.06 -31.79
CA THR A 243 9.68 -5.36 -31.97
C THR A 243 8.57 -6.41 -31.98
N THR A 244 8.92 -7.64 -31.62
CA THR A 244 7.95 -8.74 -31.63
C THR A 244 6.61 -8.39 -30.99
N PHE A 245 6.63 -7.66 -29.89
CA PHE A 245 5.40 -7.27 -29.20
C PHE A 245 4.87 -5.92 -29.67
N ALA A 246 5.49 -5.37 -30.70
CA ALA A 246 5.09 -4.06 -31.23
C ALA A 246 3.59 -3.93 -31.47
N GLN A 247 3.04 -4.77 -32.34
CA GLN A 247 1.61 -4.71 -32.66
C GLN A 247 0.68 -4.76 -31.44
N VAL A 248 0.73 -5.86 -30.69
CA VAL A 248 -0.14 -6.02 -29.52
C VAL A 248 -0.04 -4.88 -28.50
N LEU A 249 1.12 -4.26 -28.40
CA LEU A 249 1.29 -3.16 -27.44
C LEU A 249 0.82 -1.83 -27.99
N LYS A 250 0.66 -1.75 -29.31
CA LYS A 250 0.21 -0.52 -29.94
C LYS A 250 -1.10 0.03 -29.34
N ASP A 251 -1.83 -0.82 -28.61
CA ASP A 251 -3.09 -0.39 -28.01
C ASP A 251 -3.02 -0.18 -26.50
N ASP A 252 -2.11 -0.89 -25.84
CA ASP A 252 -1.93 -0.80 -24.39
C ASP A 252 -0.82 0.20 -24.08
N THR A 253 -1.17 1.49 -24.07
CA THR A 253 -0.20 2.55 -23.81
C THR A 253 0.54 2.39 -22.48
N THR A 254 -0.17 2.02 -21.43
CA THR A 254 0.47 1.84 -20.14
C THR A 254 1.63 0.86 -20.23
N THR A 255 1.35 -0.39 -20.58
CA THR A 255 2.38 -1.42 -20.69
C THR A 255 3.50 -1.03 -21.65
N LYS A 256 3.15 -0.33 -22.73
CA LYS A 256 4.16 0.11 -23.69
C LYS A 256 5.10 1.08 -22.99
N ARG A 257 4.54 2.01 -22.22
CA ARG A 257 5.35 2.97 -21.50
C ARG A 257 6.31 2.21 -20.58
N TRP A 258 5.79 1.19 -19.91
CA TRP A 258 6.61 0.39 -19.00
C TRP A 258 7.77 -0.32 -19.68
N LEU A 259 7.52 -0.93 -20.83
CA LEU A 259 8.57 -1.64 -21.57
C LEU A 259 9.65 -0.65 -21.99
N ALA A 260 9.23 0.59 -22.30
CA ALA A 260 10.19 1.62 -22.71
C ALA A 260 11.07 1.98 -21.51
N GLN A 261 10.46 2.06 -20.34
CA GLN A 261 11.22 2.39 -19.13
C GLN A 261 12.19 1.26 -18.79
N LEU A 262 11.75 0.01 -18.95
CA LEU A 262 12.59 -1.15 -18.66
C LEU A 262 13.84 -1.14 -19.54
N VAL A 263 13.66 -0.93 -20.84
CA VAL A 263 14.80 -0.91 -21.75
C VAL A 263 15.72 0.25 -21.43
N LYS A 264 15.14 1.36 -20.98
CA LYS A 264 15.91 2.54 -20.62
C LYS A 264 16.80 2.21 -19.41
N ASN A 265 16.22 1.56 -18.40
CA ASN A 265 16.95 1.20 -17.19
C ASN A 265 18.14 0.27 -17.46
N LEU A 266 17.96 -0.69 -18.34
CA LEU A 266 19.05 -1.60 -18.65
C LEU A 266 20.17 -0.84 -19.34
N GLN A 267 21.40 -1.34 -19.19
CA GLN A 267 22.57 -0.72 -19.79
C GLN A 267 22.82 0.69 -19.26
N GLU A 268 23.53 1.50 -20.05
CA GLU A 268 23.84 2.88 -19.69
C GLU A 268 24.71 3.53 -20.75
N GLU B 3 20.85 -21.29 23.27
CA GLU B 3 21.12 -20.90 21.86
C GLU B 3 20.67 -21.96 20.88
N LYS B 4 20.62 -23.21 21.33
CA LYS B 4 20.21 -24.31 20.46
C LYS B 4 18.71 -24.31 20.19
N ILE B 5 17.94 -23.79 21.14
CA ILE B 5 16.50 -23.73 20.94
C ILE B 5 16.24 -22.81 19.77
N TYR B 6 16.90 -21.65 19.77
CA TYR B 6 16.75 -20.68 18.70
C TYR B 6 17.23 -21.25 17.38
N GLN B 7 18.29 -22.07 17.44
CA GLN B 7 18.83 -22.68 16.24
C GLN B 7 17.81 -23.61 15.60
N TRP B 8 17.31 -24.57 16.38
CA TRP B 8 16.32 -25.52 15.88
C TRP B 8 15.09 -24.79 15.36
N ILE B 9 14.60 -23.84 16.14
CA ILE B 9 13.43 -23.08 15.75
C ILE B 9 13.62 -22.54 14.34
N ASN B 10 14.85 -22.12 14.04
CA ASN B 10 15.13 -21.58 12.72
C ASN B 10 15.24 -22.68 11.67
N GLU B 11 15.60 -23.88 12.12
CA GLU B 11 15.75 -25.00 11.20
C GLU B 11 14.40 -25.62 10.81
N LEU B 12 13.32 -25.16 11.44
CA LEU B 12 11.99 -25.66 11.12
C LEU B 12 11.56 -25.11 9.75
N SER B 13 12.02 -23.91 9.45
CA SER B 13 11.67 -23.26 8.19
C SER B 13 12.49 -23.75 7.00
N SER B 14 12.99 -24.98 7.10
CA SER B 14 13.76 -25.59 6.02
C SER B 14 13.43 -27.09 6.05
N PRO B 15 12.73 -27.60 5.02
CA PRO B 15 12.39 -29.02 5.02
C PRO B 15 13.60 -29.90 5.22
N GLU B 16 14.77 -29.38 4.80
CA GLU B 16 16.04 -30.08 4.89
C GLU B 16 16.38 -30.32 6.35
N THR B 17 16.09 -29.36 7.21
CA THR B 17 16.39 -29.46 8.62
C THR B 17 15.19 -29.52 9.58
N ARG B 18 13.98 -29.52 9.03
CA ARG B 18 12.79 -29.54 9.88
C ARG B 18 12.55 -30.77 10.75
N GLU B 19 12.56 -31.96 10.15
CA GLU B 19 12.29 -33.16 10.92
C GLU B 19 13.13 -33.27 12.17
N ASN B 20 14.40 -32.93 12.05
CA ASN B 20 15.31 -33.00 13.19
C ASN B 20 14.90 -31.99 14.25
N ALA B 21 14.60 -30.77 13.81
CA ALA B 21 14.19 -29.71 14.72
C ALA B 21 12.91 -30.05 15.47
N LEU B 22 11.96 -30.70 14.78
CA LEU B 22 10.69 -31.08 15.40
C LEU B 22 10.96 -32.02 16.56
N LEU B 23 11.78 -33.03 16.29
CA LEU B 23 12.12 -34.03 17.29
C LEU B 23 12.79 -33.38 18.51
N GLU B 24 13.75 -32.50 18.26
CA GLU B 24 14.46 -31.84 19.36
C GLU B 24 13.59 -30.89 20.19
N LEU B 25 12.82 -30.04 19.51
CA LEU B 25 11.96 -29.09 20.20
C LEU B 25 10.81 -29.78 20.92
N SER B 26 10.36 -30.92 20.40
CA SER B 26 9.26 -31.64 21.02
C SER B 26 9.60 -32.24 22.38
N LYS B 27 10.72 -32.95 22.44
CA LYS B 27 11.12 -33.57 23.70
C LYS B 27 11.63 -32.52 24.68
N LYS B 28 12.10 -31.40 24.14
CA LYS B 28 12.63 -30.30 24.94
C LYS B 28 11.53 -29.33 25.34
N ARG B 29 10.29 -29.64 24.96
CA ARG B 29 9.15 -28.79 25.24
C ARG B 29 8.97 -28.41 26.71
N GLU B 30 8.84 -29.42 27.57
CA GLU B 30 8.64 -29.19 29.00
C GLU B 30 9.70 -28.35 29.69
N SER B 31 10.91 -28.32 29.13
CA SER B 31 12.00 -27.55 29.72
C SER B 31 12.18 -26.13 29.20
N VAL B 32 11.34 -25.71 28.25
CA VAL B 32 11.44 -24.36 27.70
C VAL B 32 10.12 -23.62 27.93
N PRO B 33 10.09 -22.79 29.00
CA PRO B 33 8.93 -21.99 29.41
C PRO B 33 8.14 -21.32 28.29
N ASP B 34 8.73 -20.31 27.66
CA ASP B 34 8.02 -19.62 26.60
C ASP B 34 8.41 -20.09 25.20
N LEU B 35 8.21 -21.39 24.96
CA LEU B 35 8.50 -21.95 23.65
C LEU B 35 7.40 -21.46 22.71
N ALA B 36 6.20 -21.33 23.25
CA ALA B 36 5.04 -20.88 22.49
C ALA B 36 5.29 -19.52 21.82
N PRO B 37 5.69 -18.50 22.61
CA PRO B 37 5.95 -17.17 22.05
C PRO B 37 7.14 -17.21 21.10
N MET B 38 8.09 -18.10 21.38
CA MET B 38 9.26 -18.24 20.53
C MET B 38 8.82 -18.78 19.17
N LEU B 39 7.97 -19.81 19.19
CA LEU B 39 7.46 -20.40 17.96
C LEU B 39 6.55 -19.44 17.19
N TRP B 40 5.69 -18.75 17.92
CA TRP B 40 4.74 -17.83 17.30
C TRP B 40 5.37 -16.51 16.88
N HIS B 41 6.60 -16.25 17.32
CA HIS B 41 7.30 -15.02 16.99
C HIS B 41 7.37 -14.76 15.48
N SER B 42 7.19 -15.81 14.68
CA SER B 42 7.23 -15.67 13.24
C SER B 42 6.17 -16.53 12.58
N PHE B 43 5.32 -15.92 11.76
CA PHE B 43 4.28 -16.66 11.06
C PHE B 43 4.98 -17.76 10.26
N GLY B 44 6.21 -17.50 9.85
CA GLY B 44 6.95 -18.47 9.09
C GLY B 44 7.10 -19.79 9.83
N THR B 45 7.35 -19.72 11.13
CA THR B 45 7.52 -20.92 11.95
C THR B 45 6.19 -21.67 12.03
N ILE B 46 5.12 -20.93 12.24
CA ILE B 46 3.80 -21.55 12.33
C ILE B 46 3.43 -22.20 11.00
N ALA B 47 3.65 -21.48 9.91
CA ALA B 47 3.35 -22.00 8.58
C ALA B 47 4.08 -23.33 8.36
N ALA B 48 5.34 -23.38 8.79
CA ALA B 48 6.15 -24.57 8.64
C ALA B 48 5.56 -25.72 9.44
N LEU B 49 5.10 -25.41 10.64
CA LEU B 49 4.50 -26.44 11.48
C LEU B 49 3.22 -26.96 10.85
N LEU B 50 2.48 -26.06 10.19
CA LEU B 50 1.23 -26.44 9.54
C LEU B 50 1.51 -27.27 8.27
N GLN B 51 2.66 -27.02 7.66
CA GLN B 51 3.06 -27.78 6.48
C GLN B 51 3.12 -29.26 6.86
N GLU B 52 3.71 -29.54 8.02
CA GLU B 52 3.86 -30.91 8.53
C GLU B 52 2.48 -31.57 8.65
N ILE B 53 1.51 -30.81 9.14
CA ILE B 53 0.17 -31.34 9.30
C ILE B 53 -0.43 -31.57 7.92
N VAL B 54 -0.26 -30.58 7.04
CA VAL B 54 -0.79 -30.68 5.68
C VAL B 54 -0.21 -31.85 4.89
N ASN B 55 1.10 -32.12 5.06
CA ASN B 55 1.74 -33.21 4.35
C ASN B 55 1.17 -34.57 4.73
N ILE B 56 0.25 -34.59 5.69
CA ILE B 56 -0.34 -35.85 6.14
C ILE B 56 -1.70 -36.11 5.52
N TYR B 57 -2.38 -35.05 5.05
CA TYR B 57 -3.71 -35.26 4.46
C TYR B 57 -3.71 -36.33 3.35
N PRO B 58 -2.63 -36.42 2.55
CA PRO B 58 -2.57 -37.42 1.49
C PRO B 58 -2.55 -38.88 1.99
N SER B 59 -2.35 -39.06 3.29
CA SER B 59 -2.31 -40.38 3.92
C SER B 59 -3.70 -40.84 4.32
N ILE B 60 -4.68 -39.97 4.16
CA ILE B 60 -6.06 -40.30 4.49
C ILE B 60 -6.58 -40.91 3.18
N ASN B 61 -7.61 -41.74 3.25
CA ASN B 61 -8.21 -42.37 2.06
C ASN B 61 -7.43 -42.29 0.72
N PRO B 62 -6.77 -43.39 0.32
CA PRO B 62 -6.74 -44.64 1.09
C PRO B 62 -5.90 -44.40 2.35
N PRO B 63 -6.29 -45.01 3.48
CA PRO B 63 -5.55 -44.84 4.74
C PRO B 63 -4.20 -45.55 4.71
N THR B 64 -3.11 -44.79 4.64
CA THR B 64 -1.77 -45.39 4.60
C THR B 64 -0.83 -44.81 5.65
N LEU B 65 -1.37 -44.02 6.57
CA LEU B 65 -0.53 -43.42 7.60
C LEU B 65 0.43 -44.45 8.21
N THR B 66 1.71 -44.13 8.28
CA THR B 66 2.68 -45.07 8.86
C THR B 66 3.09 -44.60 10.25
N ALA B 67 3.55 -45.54 11.07
CA ALA B 67 3.99 -45.20 12.40
C ALA B 67 4.99 -44.04 12.30
N HIS B 68 5.88 -44.11 11.31
CA HIS B 68 6.87 -43.04 11.16
C HIS B 68 6.23 -41.70 10.79
N GLN B 69 5.28 -41.72 9.86
CA GLN B 69 4.60 -40.47 9.48
C GLN B 69 3.79 -39.92 10.66
N SER B 70 3.17 -40.81 11.43
CA SER B 70 2.35 -40.40 12.58
C SER B 70 3.21 -39.76 13.67
N ASN B 71 4.31 -40.41 14.02
CA ASN B 71 5.20 -39.89 15.05
C ASN B 71 5.79 -38.54 14.66
N ARG B 72 6.04 -38.37 13.36
CA ARG B 72 6.62 -37.11 12.88
C ARG B 72 5.65 -35.94 13.00
N VAL B 73 4.44 -36.13 12.48
CA VAL B 73 3.45 -35.06 12.53
C VAL B 73 3.05 -34.79 13.98
N CYS B 74 2.98 -35.85 14.79
CA CYS B 74 2.61 -35.67 16.19
C CYS B 74 3.63 -34.82 16.93
N ASN B 75 4.89 -34.87 16.49
CA ASN B 75 5.91 -34.03 17.12
C ASN B 75 5.52 -32.59 16.79
N ALA B 76 5.01 -32.39 15.59
CA ALA B 76 4.60 -31.04 15.21
C ALA B 76 3.37 -30.65 16.04
N LEU B 77 2.49 -31.62 16.30
CA LEU B 77 1.30 -31.32 17.09
C LEU B 77 1.66 -30.92 18.51
N ALA B 78 2.65 -31.60 19.08
CA ALA B 78 3.10 -31.28 20.42
C ALA B 78 3.51 -29.81 20.48
N LEU B 79 4.17 -29.32 19.44
CA LEU B 79 4.59 -27.93 19.43
C LEU B 79 3.40 -26.98 19.27
N LEU B 80 2.40 -27.39 18.48
CA LEU B 80 1.21 -26.57 18.29
C LEU B 80 0.45 -26.54 19.60
N GLN B 81 0.46 -27.68 20.29
CA GLN B 81 -0.24 -27.77 21.56
C GLN B 81 0.29 -26.79 22.60
N CYS B 82 1.61 -26.64 22.69
CA CYS B 82 2.10 -25.72 23.68
C CYS B 82 1.78 -24.28 23.28
N VAL B 83 1.63 -24.03 21.98
CA VAL B 83 1.27 -22.69 21.54
C VAL B 83 -0.21 -22.48 21.89
N ALA B 84 -0.96 -23.57 21.96
CA ALA B 84 -2.38 -23.52 22.28
C ALA B 84 -2.61 -23.34 23.77
N SER B 85 -1.60 -23.71 24.56
CA SER B 85 -1.68 -23.62 26.02
C SER B 85 -1.29 -22.26 26.56
N HIS B 86 -0.14 -21.77 26.11
CA HIS B 86 0.39 -20.48 26.57
C HIS B 86 -0.66 -19.37 26.52
N PRO B 87 -0.74 -18.57 27.59
CA PRO B 87 -1.70 -17.47 27.67
C PRO B 87 -1.33 -16.29 26.77
N GLU B 88 -0.09 -16.29 26.30
CA GLU B 88 0.42 -15.21 25.45
C GLU B 88 0.07 -15.43 23.97
N THR B 89 -0.15 -16.68 23.60
CA THR B 89 -0.43 -17.05 22.21
C THR B 89 -1.78 -17.70 21.96
N ARG B 90 -2.36 -18.32 22.98
CA ARG B 90 -3.64 -19.02 22.84
C ARG B 90 -4.69 -18.24 22.06
N SER B 91 -4.71 -16.93 22.22
CA SER B 91 -5.71 -16.12 21.52
C SER B 91 -5.46 -15.97 20.03
N ALA B 92 -4.19 -15.83 19.64
CA ALA B 92 -3.85 -15.70 18.23
C ALA B 92 -4.05 -17.05 17.56
N PHE B 93 -3.78 -18.11 18.31
CA PHE B 93 -3.92 -19.49 17.83
C PHE B 93 -5.37 -19.72 17.44
N LEU B 94 -6.28 -19.13 18.22
CA LEU B 94 -7.71 -19.27 18.00
C LEU B 94 -8.25 -18.38 16.88
N ALA B 95 -7.66 -17.21 16.74
CA ALA B 95 -8.08 -16.25 15.72
C ALA B 95 -7.72 -16.76 14.34
N ALA B 96 -6.71 -17.63 14.29
CA ALA B 96 -6.25 -18.21 13.03
C ALA B 96 -6.93 -19.55 12.80
N HIS B 97 -7.82 -19.94 13.72
CA HIS B 97 -8.55 -21.20 13.60
C HIS B 97 -7.64 -22.44 13.39
N ILE B 98 -6.42 -22.37 13.92
CA ILE B 98 -5.47 -23.47 13.79
C ILE B 98 -6.04 -24.85 14.09
N PRO B 99 -6.87 -24.97 15.14
CA PRO B 99 -7.39 -26.31 15.42
C PRO B 99 -8.10 -26.98 14.23
N LEU B 100 -8.66 -26.17 13.33
CA LEU B 100 -9.37 -26.71 12.16
C LEU B 100 -8.49 -27.55 11.24
N PHE B 101 -7.19 -27.27 11.23
CA PHE B 101 -6.27 -28.05 10.38
C PHE B 101 -6.21 -29.49 10.86
N LEU B 102 -6.63 -29.70 12.11
CA LEU B 102 -6.61 -31.03 12.73
C LEU B 102 -7.91 -31.78 12.55
N TYR B 103 -8.96 -31.11 12.09
CA TYR B 103 -10.23 -31.78 11.95
C TYR B 103 -10.24 -32.92 10.94
N PRO B 104 -9.46 -32.81 9.85
CA PRO B 104 -9.49 -33.95 8.92
C PRO B 104 -8.98 -35.20 9.66
N PHE B 105 -8.01 -35.03 10.54
CA PHE B 105 -7.47 -36.15 11.30
C PHE B 105 -8.57 -36.75 12.17
N LEU B 106 -9.22 -35.90 12.97
CA LEU B 106 -10.29 -36.32 13.87
C LEU B 106 -11.44 -37.00 13.14
N HIS B 107 -11.52 -36.79 11.83
CA HIS B 107 -12.57 -37.38 11.00
C HIS B 107 -12.25 -38.80 10.54
N THR B 108 -10.99 -39.23 10.61
CA THR B 108 -10.64 -40.57 10.16
C THR B 108 -11.23 -41.64 11.09
N VAL B 109 -11.40 -42.86 10.58
CA VAL B 109 -11.95 -43.95 11.38
C VAL B 109 -11.07 -45.18 11.38
N SER B 110 -9.98 -45.14 10.62
CA SER B 110 -9.05 -46.27 10.56
C SER B 110 -8.58 -46.62 11.96
N LYS B 111 -8.63 -47.90 12.31
CA LYS B 111 -8.22 -48.34 13.65
C LYS B 111 -6.76 -48.75 13.81
N THR B 112 -5.96 -48.59 12.76
CA THR B 112 -4.55 -48.92 12.85
C THR B 112 -3.93 -47.96 13.86
N ARG B 113 -2.95 -48.44 14.62
CA ARG B 113 -2.31 -47.61 15.62
C ARG B 113 -1.79 -46.27 15.10
N PRO B 114 -1.28 -46.25 13.85
CA PRO B 114 -0.79 -44.95 13.36
C PRO B 114 -1.90 -43.91 13.45
N PHE B 115 -3.09 -44.26 12.96
CA PHE B 115 -4.22 -43.34 12.99
C PHE B 115 -4.80 -43.08 14.37
N GLU B 116 -4.97 -44.13 15.16
CA GLU B 116 -5.49 -43.96 16.51
C GLU B 116 -4.64 -42.93 17.25
N TYR B 117 -3.32 -43.10 17.19
CA TYR B 117 -2.39 -42.20 17.85
C TYR B 117 -2.47 -40.77 17.29
N LEU B 118 -2.66 -40.66 15.98
CA LEU B 118 -2.78 -39.36 15.35
C LEU B 118 -3.99 -38.64 15.95
N ARG B 119 -5.10 -39.37 16.04
CA ARG B 119 -6.36 -38.85 16.58
C ARG B 119 -6.24 -38.49 18.08
N LEU B 120 -5.57 -39.34 18.85
CA LEU B 120 -5.37 -39.10 20.28
C LEU B 120 -4.59 -37.81 20.48
N THR B 121 -3.50 -37.69 19.74
CA THR B 121 -2.63 -36.52 19.79
C THR B 121 -3.35 -35.24 19.37
N SER B 122 -4.23 -35.35 18.38
CA SER B 122 -5.00 -34.22 17.89
C SER B 122 -6.00 -33.78 18.97
N LEU B 123 -6.71 -34.73 19.55
CA LEU B 123 -7.66 -34.40 20.62
C LEU B 123 -6.89 -33.73 21.74
N GLY B 124 -5.65 -34.18 21.95
CA GLY B 124 -4.82 -33.61 23.00
C GLY B 124 -4.62 -32.12 22.80
N VAL B 125 -4.56 -31.69 21.54
CA VAL B 125 -4.38 -30.26 21.26
C VAL B 125 -5.63 -29.52 21.71
N ILE B 126 -6.79 -30.14 21.48
CA ILE B 126 -8.09 -29.56 21.83
C ILE B 126 -8.23 -29.53 23.36
N GLY B 127 -7.93 -30.66 24.00
CA GLY B 127 -8.00 -30.75 25.44
C GLY B 127 -7.10 -29.73 26.13
N ALA B 128 -5.98 -29.37 25.52
CA ALA B 128 -5.10 -28.37 26.14
C ALA B 128 -5.74 -26.99 26.05
N LEU B 129 -6.65 -26.83 25.09
CA LEU B 129 -7.35 -25.57 24.90
C LEU B 129 -8.41 -25.37 26.00
N VAL B 130 -9.19 -26.41 26.26
CA VAL B 130 -10.26 -26.34 27.27
C VAL B 130 -9.75 -26.37 28.70
N LYS B 131 -8.50 -26.78 28.89
CA LYS B 131 -7.93 -26.82 30.23
C LYS B 131 -7.67 -25.40 30.72
N THR B 132 -7.42 -24.49 29.78
CA THR B 132 -7.16 -23.09 30.12
C THR B 132 -8.37 -22.42 30.77
N ASP B 133 -9.55 -23.02 30.60
CA ASP B 133 -10.79 -22.49 31.16
C ASP B 133 -11.11 -21.09 30.65
N GLU B 134 -10.93 -20.87 29.35
CA GLU B 134 -11.21 -19.57 28.75
C GLU B 134 -12.58 -19.57 28.10
N GLN B 135 -13.29 -18.46 28.21
CA GLN B 135 -14.60 -18.34 27.59
C GLN B 135 -14.31 -18.34 26.10
N GLU B 136 -13.22 -17.66 25.76
CA GLU B 136 -12.74 -17.52 24.39
C GLU B 136 -12.69 -18.88 23.68
N VAL B 137 -12.21 -19.89 24.38
CA VAL B 137 -12.09 -21.24 23.82
C VAL B 137 -13.44 -21.91 23.52
N ILE B 138 -14.36 -21.84 24.48
CA ILE B 138 -15.67 -22.47 24.31
C ILE B 138 -16.45 -21.79 23.19
N ASN B 139 -16.29 -20.48 23.06
CA ASN B 139 -16.98 -19.74 22.02
C ASN B 139 -16.43 -20.17 20.66
N PHE B 140 -15.15 -20.51 20.61
CA PHE B 140 -14.54 -20.96 19.35
C PHE B 140 -15.09 -22.31 18.97
N LEU B 141 -14.86 -23.29 19.84
CA LEU B 141 -15.30 -24.66 19.61
C LEU B 141 -16.76 -24.83 19.21
N LEU B 142 -17.65 -24.05 19.82
CA LEU B 142 -19.07 -24.15 19.52
C LEU B 142 -19.40 -23.87 18.06
N THR B 143 -18.56 -23.09 17.39
CA THR B 143 -18.81 -22.79 15.99
C THR B 143 -18.00 -23.71 15.06
N THR B 144 -17.40 -24.77 15.62
CA THR B 144 -16.56 -25.67 14.85
C THR B 144 -16.98 -27.09 14.51
N GLU B 145 -17.93 -27.66 15.22
CA GLU B 145 -18.36 -29.05 14.97
C GLU B 145 -17.50 -30.04 15.77
N ILE B 146 -16.75 -29.55 16.75
CA ILE B 146 -15.90 -30.42 17.54
C ILE B 146 -16.74 -31.44 18.34
N ILE B 147 -17.93 -31.04 18.78
CA ILE B 147 -18.80 -31.93 19.56
C ILE B 147 -19.16 -33.23 18.84
N PRO B 148 -19.54 -33.15 17.55
CA PRO B 148 -19.89 -34.38 16.83
C PRO B 148 -18.66 -35.28 16.67
N LEU B 149 -17.52 -34.67 16.35
CA LEU B 149 -16.30 -35.41 16.18
C LEU B 149 -15.94 -36.13 17.48
N CYS B 150 -16.10 -35.45 18.62
CA CYS B 150 -15.79 -36.08 19.90
C CYS B 150 -16.75 -37.20 20.22
N LEU B 151 -18.03 -37.00 19.90
CA LEU B 151 -19.04 -38.02 20.18
C LEU B 151 -18.74 -39.32 19.44
N ARG B 152 -18.27 -39.22 18.21
CA ARG B 152 -17.96 -40.43 17.45
C ARG B 152 -16.83 -41.21 18.10
N ILE B 153 -15.76 -40.51 18.45
CA ILE B 153 -14.62 -41.17 19.08
C ILE B 153 -14.99 -41.74 20.46
N MET B 154 -15.87 -41.05 21.17
CA MET B 154 -16.28 -41.50 22.50
C MET B 154 -16.82 -42.92 22.52
N GLU B 155 -17.28 -43.40 21.38
CA GLU B 155 -17.82 -44.75 21.31
C GLU B 155 -17.09 -45.72 20.39
N SER B 156 -16.19 -45.21 19.56
CA SER B 156 -15.46 -46.10 18.63
C SER B 156 -13.94 -46.07 18.82
N GLY B 157 -13.45 -45.10 19.59
CA GLY B 157 -12.02 -45.01 19.81
C GLY B 157 -11.49 -45.97 20.86
N SER B 158 -10.20 -45.85 21.15
CA SER B 158 -9.59 -46.70 22.16
C SER B 158 -9.89 -46.07 23.52
N GLU B 159 -9.35 -46.68 24.56
CA GLU B 159 -9.52 -46.22 25.94
C GLU B 159 -9.06 -44.77 26.06
N LEU B 160 -7.80 -44.54 25.70
CA LEU B 160 -7.22 -43.20 25.77
C LEU B 160 -7.99 -42.16 24.97
N SER B 161 -8.31 -42.48 23.73
CA SER B 161 -9.04 -41.55 22.87
C SER B 161 -10.41 -41.22 23.44
N LYS B 162 -11.18 -42.26 23.78
CA LYS B 162 -12.52 -42.05 24.34
C LYS B 162 -12.46 -41.15 25.56
N THR B 163 -11.40 -41.30 26.34
CA THR B 163 -11.22 -40.52 27.55
C THR B 163 -10.96 -39.05 27.28
N VAL B 164 -10.09 -38.76 26.34
CA VAL B 164 -9.79 -37.37 26.01
C VAL B 164 -10.99 -36.70 25.33
N ALA B 165 -11.69 -37.46 24.50
CA ALA B 165 -12.86 -36.97 23.80
C ALA B 165 -13.98 -36.62 24.81
N THR B 166 -14.23 -37.52 25.76
CA THR B 166 -15.25 -37.28 26.78
C THR B 166 -14.86 -36.10 27.69
N PHE B 167 -13.56 -35.96 27.94
CA PHE B 167 -13.08 -34.85 28.77
C PHE B 167 -13.35 -33.51 28.09
N ILE B 168 -13.21 -33.47 26.77
CA ILE B 168 -13.45 -32.26 26.00
C ILE B 168 -14.92 -31.85 26.12
N LEU B 169 -15.81 -32.83 25.97
CA LEU B 169 -17.24 -32.58 26.07
C LEU B 169 -17.54 -32.07 27.47
N GLN B 170 -16.90 -32.70 28.45
CA GLN B 170 -17.09 -32.35 29.85
C GLN B 170 -16.81 -30.87 30.08
N LYS B 171 -15.64 -30.41 29.64
CA LYS B 171 -15.27 -29.00 29.81
C LYS B 171 -16.22 -28.09 29.05
N ILE B 172 -16.80 -28.59 27.97
CA ILE B 172 -17.74 -27.79 27.18
C ILE B 172 -19.03 -27.69 27.97
N LEU B 173 -19.54 -28.82 28.42
CA LEU B 173 -20.76 -28.85 29.21
C LEU B 173 -20.64 -28.02 30.48
N LEU B 174 -19.47 -28.10 31.15
CA LEU B 174 -19.26 -27.36 32.38
C LEU B 174 -19.42 -25.86 32.21
N ASP B 175 -19.10 -25.35 31.02
CA ASP B 175 -19.26 -23.93 30.76
C ASP B 175 -20.75 -23.66 30.55
N ASP B 176 -21.28 -22.61 31.18
CA ASP B 176 -22.70 -22.26 31.06
C ASP B 176 -23.24 -22.25 29.62
N THR B 177 -22.57 -21.51 28.75
CA THR B 177 -22.99 -21.43 27.35
C THR B 177 -22.91 -22.79 26.68
N GLY B 178 -21.92 -23.60 27.06
CA GLY B 178 -21.81 -24.93 26.48
C GLY B 178 -23.00 -25.79 26.83
N LEU B 179 -23.40 -25.74 28.10
CA LEU B 179 -24.54 -26.49 28.59
C LEU B 179 -25.81 -26.05 27.86
N ALA B 180 -25.98 -24.73 27.78
CA ALA B 180 -27.14 -24.14 27.12
C ALA B 180 -27.15 -24.59 25.65
N TYR B 181 -25.98 -24.47 25.01
CA TYR B 181 -25.83 -24.86 23.62
C TYR B 181 -26.32 -26.28 23.36
N ILE B 182 -25.83 -27.22 24.16
CA ILE B 182 -26.21 -28.62 24.01
C ILE B 182 -27.70 -28.84 24.25
N CYS B 183 -28.27 -28.13 25.22
CA CYS B 183 -29.70 -28.28 25.52
C CYS B 183 -30.55 -27.42 24.61
N GLN B 184 -29.92 -26.57 23.81
CA GLN B 184 -30.66 -25.68 22.92
C GLN B 184 -31.62 -26.38 21.96
N THR B 185 -31.35 -27.63 21.60
CA THR B 185 -32.23 -28.33 20.69
C THR B 185 -32.38 -29.78 21.09
N TYR B 186 -33.46 -30.40 20.63
CA TYR B 186 -33.70 -31.81 20.90
C TYR B 186 -32.56 -32.65 20.29
N GLU B 187 -32.22 -32.34 19.04
CA GLU B 187 -31.17 -33.03 18.28
C GLU B 187 -29.87 -33.16 19.09
N ARG B 188 -29.26 -32.02 19.40
CA ARG B 188 -28.00 -31.97 20.15
C ARG B 188 -28.06 -32.78 21.44
N PHE B 189 -28.99 -32.41 22.30
CA PHE B 189 -29.13 -33.10 23.57
C PHE B 189 -29.37 -34.60 23.38
N SER B 190 -30.26 -34.96 22.46
CA SER B 190 -30.58 -36.36 22.22
C SER B 190 -29.35 -37.19 21.84
N HIS B 191 -28.52 -36.65 20.96
CA HIS B 191 -27.35 -37.39 20.53
C HIS B 191 -26.33 -37.55 21.66
N VAL B 192 -26.16 -36.50 22.46
CA VAL B 192 -25.22 -36.58 23.57
C VAL B 192 -25.73 -37.61 24.59
N ALA B 193 -27.03 -37.55 24.89
CA ALA B 193 -27.63 -38.48 25.84
C ALA B 193 -27.48 -39.92 25.37
N MET B 194 -27.62 -40.11 24.07
CA MET B 194 -27.50 -41.45 23.51
C MET B 194 -26.08 -42.00 23.60
N ILE B 195 -25.09 -41.16 23.32
CA ILE B 195 -23.69 -41.61 23.36
C ILE B 195 -23.29 -41.98 24.78
N LEU B 196 -23.59 -41.10 25.73
CA LEU B 196 -23.27 -41.35 27.13
C LEU B 196 -23.91 -42.67 27.55
N GLY B 197 -25.05 -42.97 26.94
CA GLY B 197 -25.76 -44.20 27.24
C GLY B 197 -25.02 -45.44 26.79
N LYS B 198 -24.64 -45.50 25.52
CA LYS B 198 -23.92 -46.66 25.01
C LYS B 198 -22.62 -46.84 25.78
N MET B 199 -22.05 -45.74 26.23
CA MET B 199 -20.79 -45.78 26.97
C MET B 199 -20.84 -46.45 28.34
N VAL B 200 -21.81 -46.09 29.15
CA VAL B 200 -21.92 -46.68 30.48
C VAL B 200 -22.17 -48.18 30.35
N LEU B 201 -22.80 -48.55 29.23
CA LEU B 201 -23.10 -49.94 28.94
C LEU B 201 -21.84 -50.76 28.68
N GLN B 202 -21.01 -50.33 27.74
CA GLN B 202 -19.80 -51.07 27.45
C GLN B 202 -18.75 -50.80 28.50
N LEU B 203 -19.09 -49.96 29.47
CA LEU B 203 -18.18 -49.62 30.56
C LEU B 203 -18.42 -50.63 31.68
N SER B 204 -19.66 -51.09 31.81
CA SER B 204 -20.02 -52.08 32.84
C SER B 204 -19.18 -53.32 32.60
N LYS B 205 -19.07 -53.70 31.34
CA LYS B 205 -18.24 -54.84 30.93
C LYS B 205 -16.96 -54.13 30.51
N GLU B 206 -15.80 -54.63 30.92
CA GLU B 206 -14.55 -53.95 30.57
C GLU B 206 -14.61 -52.54 31.18
N PRO B 207 -14.46 -52.44 32.51
CA PRO B 207 -14.49 -51.14 33.20
C PRO B 207 -13.26 -50.27 33.00
N SER B 208 -13.44 -48.97 33.23
CA SER B 208 -12.36 -47.98 33.12
C SER B 208 -12.66 -46.87 34.12
N ALA B 209 -11.83 -46.76 35.15
CA ALA B 209 -12.02 -45.75 36.20
C ALA B 209 -12.13 -44.34 35.64
N ARG B 210 -11.16 -43.95 34.83
CA ARG B 210 -11.14 -42.62 34.24
C ARG B 210 -12.32 -42.30 33.35
N LEU B 211 -12.63 -43.19 32.42
CA LEU B 211 -13.76 -42.95 31.51
C LEU B 211 -15.06 -42.74 32.27
N LEU B 212 -15.35 -43.63 33.20
CA LEU B 212 -16.57 -43.55 33.99
C LEU B 212 -16.71 -42.22 34.73
N LYS B 213 -15.62 -41.72 35.30
CA LYS B 213 -15.68 -40.46 36.03
C LYS B 213 -16.12 -39.33 35.08
N HIS B 214 -15.53 -39.30 33.88
CA HIS B 214 -15.89 -38.28 32.90
C HIS B 214 -17.34 -38.45 32.45
N VAL B 215 -17.75 -39.70 32.24
CA VAL B 215 -19.11 -39.98 31.84
C VAL B 215 -20.09 -39.46 32.91
N VAL B 216 -19.91 -39.91 34.14
CA VAL B 216 -20.74 -39.49 35.27
C VAL B 216 -20.78 -37.96 35.37
N ARG B 217 -19.63 -37.30 35.22
CA ARG B 217 -19.58 -35.86 35.31
C ARG B 217 -20.39 -35.15 34.24
N CYS B 218 -20.54 -35.79 33.08
CA CYS B 218 -21.30 -35.17 32.00
C CYS B 218 -22.80 -35.21 32.31
N TYR B 219 -23.24 -36.35 32.85
CA TYR B 219 -24.64 -36.53 33.23
C TYR B 219 -24.99 -35.56 34.37
N LEU B 220 -24.08 -35.43 35.34
CA LEU B 220 -24.32 -34.54 36.46
C LEU B 220 -24.51 -33.10 35.98
N ARG B 221 -23.62 -32.63 35.12
CA ARG B 221 -23.71 -31.29 34.59
C ARG B 221 -24.98 -31.09 33.75
N LEU B 222 -25.38 -32.13 33.01
CA LEU B 222 -26.59 -32.02 32.21
C LEU B 222 -27.80 -31.87 33.15
N SER B 223 -27.74 -32.52 34.31
CA SER B 223 -28.83 -32.44 35.27
C SER B 223 -28.93 -31.04 35.88
N ASP B 224 -28.01 -30.15 35.50
CA ASP B 224 -28.05 -28.77 36.00
C ASP B 224 -29.09 -27.96 35.24
N ASN B 225 -29.41 -28.39 34.03
CA ASN B 225 -30.41 -27.71 33.21
C ASN B 225 -31.74 -28.31 33.61
N PRO B 226 -32.57 -27.52 34.32
CA PRO B 226 -33.89 -27.96 34.80
C PRO B 226 -34.76 -28.70 33.78
N ARG B 227 -34.99 -28.08 32.62
CA ARG B 227 -35.84 -28.70 31.58
C ARG B 227 -35.37 -30.03 31.04
N ALA B 228 -34.07 -30.30 31.13
CA ALA B 228 -33.50 -31.55 30.63
C ALA B 228 -33.80 -32.73 31.58
N ARG B 229 -33.92 -32.43 32.86
CA ARG B 229 -34.17 -33.45 33.88
C ARG B 229 -35.17 -34.55 33.55
N GLU B 230 -36.30 -34.19 32.94
CA GLU B 230 -37.29 -35.19 32.59
C GLU B 230 -36.68 -36.18 31.61
N ALA B 231 -36.01 -35.65 30.59
CA ALA B 231 -35.35 -36.48 29.59
C ALA B 231 -34.31 -37.35 30.31
N LEU B 232 -33.51 -36.71 31.17
CA LEU B 232 -32.48 -37.41 31.91
C LEU B 232 -33.05 -38.57 32.72
N ARG B 233 -34.16 -38.34 33.40
CA ARG B 233 -34.79 -39.39 34.18
C ARG B 233 -35.09 -40.60 33.31
N GLN B 234 -35.65 -40.35 32.12
CA GLN B 234 -36.02 -41.42 31.20
C GLN B 234 -34.88 -42.16 30.49
N CYS B 235 -33.72 -41.53 30.32
CA CYS B 235 -32.63 -42.20 29.61
C CYS B 235 -31.50 -42.73 30.50
N LEU B 236 -31.47 -42.29 31.76
CA LEU B 236 -30.43 -42.73 32.69
C LEU B 236 -30.33 -44.25 32.77
N PRO B 237 -29.18 -44.82 32.39
CA PRO B 237 -28.98 -46.27 32.42
C PRO B 237 -29.05 -46.85 33.84
N ASP B 238 -29.48 -48.10 33.93
CA ASP B 238 -29.61 -48.80 35.20
C ASP B 238 -28.29 -48.88 35.97
N GLN B 239 -27.22 -49.25 35.26
CA GLN B 239 -25.91 -49.39 35.88
C GLN B 239 -25.50 -48.18 36.72
N LEU B 240 -26.12 -47.03 36.46
CA LEU B 240 -25.80 -45.83 37.23
C LEU B 240 -26.74 -45.73 38.44
N LYS B 241 -27.83 -46.49 38.39
CA LYS B 241 -28.81 -46.48 39.46
C LYS B 241 -28.72 -47.72 40.36
N ASP B 242 -28.03 -48.76 39.89
CA ASP B 242 -27.90 -49.99 40.68
C ASP B 242 -26.53 -50.16 41.34
N THR B 243 -26.23 -51.39 41.76
CA THR B 243 -24.97 -51.68 42.44
C THR B 243 -23.75 -51.84 41.55
N THR B 244 -23.92 -51.79 40.24
CA THR B 244 -22.75 -51.92 39.36
C THR B 244 -21.92 -50.67 39.56
N PHE B 245 -20.62 -50.77 39.31
CA PHE B 245 -19.70 -49.65 39.47
C PHE B 245 -19.45 -49.37 40.95
N ALA B 246 -20.35 -49.82 41.82
CA ALA B 246 -20.18 -49.62 43.25
C ALA B 246 -18.84 -50.21 43.65
N GLN B 247 -18.45 -51.28 42.96
CA GLN B 247 -17.18 -51.95 43.20
C GLN B 247 -16.09 -51.08 42.59
N VAL B 248 -16.23 -50.83 41.28
CA VAL B 248 -15.29 -50.01 40.53
C VAL B 248 -15.06 -48.65 41.18
N LEU B 249 -16.09 -48.15 41.84
CA LEU B 249 -16.04 -46.84 42.48
C LEU B 249 -15.63 -46.86 43.95
N LYS B 250 -15.14 -48.00 44.43
CA LYS B 250 -14.71 -48.10 45.82
C LYS B 250 -13.63 -47.05 46.08
N ASP B 251 -12.81 -46.80 45.05
CA ASP B 251 -11.73 -45.82 45.17
C ASP B 251 -12.18 -44.39 44.91
N ASP B 252 -13.08 -44.21 43.94
CA ASP B 252 -13.57 -42.89 43.60
C ASP B 252 -14.61 -42.30 44.55
N THR B 253 -14.15 -41.57 45.56
CA THR B 253 -15.07 -40.93 46.49
C THR B 253 -15.73 -39.79 45.73
N THR B 254 -14.94 -39.14 44.87
CA THR B 254 -15.40 -38.03 44.06
C THR B 254 -16.49 -38.45 43.09
N THR B 255 -16.21 -39.46 42.28
CA THR B 255 -17.15 -39.95 41.29
C THR B 255 -18.47 -40.43 41.87
N LYS B 256 -18.44 -41.07 43.03
CA LYS B 256 -19.67 -41.53 43.64
C LYS B 256 -20.38 -40.35 44.26
N ARG B 257 -19.61 -39.37 44.73
CA ARG B 257 -20.21 -38.18 45.31
C ARG B 257 -20.94 -37.47 44.17
N TRP B 258 -20.37 -37.55 42.97
CA TRP B 258 -21.00 -36.93 41.80
C TRP B 258 -22.19 -37.75 41.36
N LEU B 259 -22.02 -39.07 41.30
CA LEU B 259 -23.10 -39.97 40.89
C LEU B 259 -24.26 -39.85 41.88
N ALA B 260 -23.93 -39.46 43.11
CA ALA B 260 -24.93 -39.28 44.14
C ALA B 260 -25.75 -38.00 43.85
N GLN B 261 -25.05 -36.89 43.60
CA GLN B 261 -25.73 -35.63 43.29
C GLN B 261 -26.60 -35.75 42.03
N LEU B 262 -26.18 -36.61 41.10
CA LEU B 262 -26.91 -36.81 39.86
C LEU B 262 -28.27 -37.42 40.19
N VAL B 263 -28.26 -38.49 40.96
CA VAL B 263 -29.50 -39.15 41.35
C VAL B 263 -30.40 -38.15 42.08
N LYS B 264 -29.80 -37.36 42.96
CA LYS B 264 -30.55 -36.35 43.70
C LYS B 264 -31.14 -35.24 42.82
N ASN B 265 -30.44 -34.86 41.76
CA ASN B 265 -30.94 -33.82 40.87
C ASN B 265 -32.17 -34.32 40.10
N LEU B 266 -32.18 -35.61 39.79
CA LEU B 266 -33.26 -36.20 39.02
C LEU B 266 -34.49 -36.65 39.79
N GLN B 267 -34.43 -36.64 41.12
CA GLN B 267 -35.57 -37.07 41.91
C GLN B 267 -36.72 -36.05 41.86
N GLU B 268 -37.90 -36.54 41.50
CA GLU B 268 -39.09 -35.71 41.39
C GLU B 268 -39.69 -35.42 42.76
N ASP C 1 -25.92 12.38 -13.95
CA ASP C 1 -26.62 13.68 -13.75
C ASP C 1 -25.64 14.86 -13.75
N ARG C 2 -24.53 14.70 -14.45
CA ARG C 2 -23.51 15.75 -14.56
C ARG C 2 -24.09 16.96 -15.29
N GLU C 3 -23.24 17.93 -15.60
CA GLU C 3 -23.71 19.13 -16.28
C GLU C 3 -22.59 20.06 -16.78
N LYS C 4 -22.47 21.21 -16.14
CA LYS C 4 -21.46 22.21 -16.48
C LYS C 4 -20.08 21.80 -15.97
N ILE C 5 -19.95 20.57 -15.47
CA ILE C 5 -18.66 20.11 -14.97
C ILE C 5 -17.60 20.25 -16.04
N TYR C 6 -17.88 19.70 -17.22
CA TYR C 6 -16.93 19.80 -18.32
C TYR C 6 -16.75 21.27 -18.66
N GLN C 7 -17.84 22.04 -18.52
CA GLN C 7 -17.80 23.45 -18.82
C GLN C 7 -16.87 24.19 -17.85
N TRP C 8 -17.09 24.00 -16.55
CA TRP C 8 -16.28 24.63 -15.52
C TRP C 8 -14.80 24.30 -15.73
N ILE C 9 -14.51 23.03 -15.97
CA ILE C 9 -13.13 22.58 -16.19
C ILE C 9 -12.52 23.32 -17.37
N ASN C 10 -13.33 23.53 -18.40
CA ASN C 10 -12.88 24.21 -19.61
C ASN C 10 -12.43 25.65 -19.38
N GLU C 11 -13.18 26.39 -18.56
CA GLU C 11 -12.83 27.78 -18.31
C GLU C 11 -11.79 28.02 -17.22
N LEU C 12 -11.13 26.94 -16.79
CA LEU C 12 -10.11 27.05 -15.76
C LEU C 12 -8.91 27.80 -16.32
N SER C 13 -8.72 27.70 -17.63
CA SER C 13 -7.60 28.36 -18.31
C SER C 13 -7.79 29.87 -18.41
N SER C 14 -9.00 30.29 -18.75
CA SER C 14 -9.31 31.72 -18.89
C SER C 14 -9.33 32.36 -17.50
N PRO C 15 -8.29 33.15 -17.18
CA PRO C 15 -8.15 33.84 -15.89
C PRO C 15 -9.43 34.41 -15.27
N GLU C 16 -10.21 35.15 -16.06
CA GLU C 16 -11.44 35.73 -15.56
C GLU C 16 -12.64 34.79 -15.52
N THR C 17 -12.38 33.48 -15.59
CA THR C 17 -13.47 32.51 -15.54
C THR C 17 -13.14 31.29 -14.68
N ARG C 18 -11.86 31.17 -14.28
CA ARG C 18 -11.46 30.04 -13.46
C ARG C 18 -11.72 30.22 -11.97
N GLU C 19 -11.72 31.46 -11.50
CA GLU C 19 -11.97 31.72 -10.08
C GLU C 19 -13.31 31.10 -9.67
N ASN C 20 -14.38 31.43 -10.39
CA ASN C 20 -15.70 30.88 -10.07
C ASN C 20 -15.76 29.40 -10.41
N ALA C 21 -14.99 28.99 -11.41
CA ALA C 21 -14.96 27.58 -11.82
C ALA C 21 -14.35 26.74 -10.71
N LEU C 22 -13.34 27.28 -10.03
CA LEU C 22 -12.71 26.56 -8.94
C LEU C 22 -13.76 26.30 -7.86
N LEU C 23 -14.46 27.35 -7.48
CA LEU C 23 -15.52 27.29 -6.47
C LEU C 23 -16.56 26.22 -6.81
N GLU C 24 -17.08 26.29 -8.03
CA GLU C 24 -18.09 25.34 -8.47
C GLU C 24 -17.57 23.91 -8.45
N LEU C 25 -16.40 23.69 -9.02
CA LEU C 25 -15.81 22.37 -9.06
C LEU C 25 -15.47 21.85 -7.66
N SER C 26 -15.06 22.75 -6.78
CA SER C 26 -14.71 22.38 -5.40
C SER C 26 -15.91 21.82 -4.66
N LYS C 27 -17.04 22.52 -4.73
CA LYS C 27 -18.25 22.10 -4.07
C LYS C 27 -18.78 20.81 -4.71
N LYS C 28 -18.66 20.73 -6.03
CA LYS C 28 -19.14 19.56 -6.75
C LYS C 28 -18.17 18.39 -6.63
N ARG C 29 -17.08 18.59 -5.89
CA ARG C 29 -16.08 17.55 -5.71
C ARG C 29 -16.67 16.18 -5.43
N GLU C 30 -17.20 16.00 -4.23
CA GLU C 30 -17.78 14.72 -3.82
C GLU C 30 -19.18 14.50 -4.41
N SER C 31 -19.22 13.88 -5.59
CA SER C 31 -20.45 13.60 -6.31
C SER C 31 -20.04 13.04 -7.65
N VAL C 32 -19.00 13.63 -8.22
CA VAL C 32 -18.44 13.23 -9.50
C VAL C 32 -17.22 12.38 -9.15
N PRO C 33 -17.42 11.08 -8.89
CA PRO C 33 -16.36 10.13 -8.52
C PRO C 33 -15.49 9.72 -9.71
N ASP C 34 -15.49 10.56 -10.73
CA ASP C 34 -14.72 10.31 -11.93
C ASP C 34 -14.08 11.62 -12.33
N LEU C 35 -14.29 12.62 -11.47
CA LEU C 35 -13.77 13.96 -11.69
C LEU C 35 -12.26 14.02 -11.82
N ALA C 36 -11.57 13.17 -11.07
CA ALA C 36 -10.11 13.16 -11.12
C ALA C 36 -9.64 12.98 -12.56
N PRO C 37 -10.04 11.88 -13.22
CA PRO C 37 -9.66 11.61 -14.61
C PRO C 37 -10.04 12.77 -15.53
N MET C 38 -11.26 13.27 -15.35
CA MET C 38 -11.75 14.37 -16.17
C MET C 38 -10.80 15.57 -16.06
N LEU C 39 -10.50 15.94 -14.82
CA LEU C 39 -9.60 17.06 -14.56
C LEU C 39 -8.23 16.82 -15.20
N TRP C 40 -7.64 15.67 -14.92
CA TRP C 40 -6.31 15.32 -15.42
C TRP C 40 -6.19 15.22 -16.94
N HIS C 41 -7.26 14.78 -17.60
CA HIS C 41 -7.24 14.63 -19.05
C HIS C 41 -7.69 15.87 -19.81
N SER C 42 -7.78 17.00 -19.13
CA SER C 42 -8.19 18.25 -19.77
C SER C 42 -6.98 19.10 -20.11
N PHE C 43 -6.99 19.67 -21.31
CA PHE C 43 -5.89 20.49 -21.79
C PHE C 43 -5.47 21.59 -20.83
N GLY C 44 -4.21 21.54 -20.40
CA GLY C 44 -3.64 22.53 -19.49
C GLY C 44 -4.43 22.93 -18.26
N THR C 45 -5.24 22.03 -17.72
CA THR C 45 -6.02 22.36 -16.54
C THR C 45 -5.35 21.91 -15.23
N ILE C 46 -4.39 20.99 -15.33
CA ILE C 46 -3.66 20.56 -14.14
C ILE C 46 -2.60 21.64 -13.94
N ALA C 47 -2.11 22.16 -15.05
CA ALA C 47 -1.11 23.22 -15.02
C ALA C 47 -1.76 24.50 -14.49
N ALA C 48 -3.07 24.61 -14.65
CA ALA C 48 -3.80 25.79 -14.18
C ALA C 48 -3.92 25.74 -12.68
N LEU C 49 -4.21 24.56 -12.14
CA LEU C 49 -4.31 24.40 -10.70
C LEU C 49 -2.96 24.73 -10.06
N LEU C 50 -1.87 24.20 -10.63
CA LEU C 50 -0.53 24.47 -10.09
C LEU C 50 -0.20 25.96 -10.19
N GLN C 51 -0.65 26.60 -11.26
CA GLN C 51 -0.38 28.02 -11.43
C GLN C 51 -1.06 28.78 -10.31
N GLU C 52 -2.24 28.31 -9.93
CA GLU C 52 -3.03 28.91 -8.85
C GLU C 52 -2.25 28.85 -7.54
N ILE C 53 -1.47 27.79 -7.39
CA ILE C 53 -0.66 27.58 -6.20
C ILE C 53 0.54 28.48 -6.25
N VAL C 54 1.23 28.46 -7.38
CA VAL C 54 2.43 29.24 -7.59
C VAL C 54 2.25 30.75 -7.47
N ASN C 55 1.11 31.24 -7.92
CA ASN C 55 0.82 32.67 -7.87
C ASN C 55 0.73 33.22 -6.43
N ILE C 56 0.53 32.33 -5.47
CA ILE C 56 0.42 32.71 -4.06
C ILE C 56 1.78 32.75 -3.34
N TYR C 57 2.77 32.07 -3.93
CA TYR C 57 4.11 32.01 -3.36
C TYR C 57 4.71 33.33 -2.85
N PRO C 58 4.57 34.43 -3.61
CA PRO C 58 5.13 35.69 -3.14
C PRO C 58 4.48 36.21 -1.85
N SER C 59 3.16 36.11 -1.77
CA SER C 59 2.45 36.58 -0.59
C SER C 59 2.36 35.48 0.48
N ILE C 60 3.19 34.44 0.33
CA ILE C 60 3.19 33.34 1.27
C ILE C 60 4.14 33.57 2.44
N ASN C 61 5.40 33.93 2.18
CA ASN C 61 6.28 34.14 3.31
C ASN C 61 5.81 35.42 3.95
N PRO C 62 6.14 36.60 3.35
CA PRO C 62 5.65 37.81 4.00
C PRO C 62 4.15 37.60 4.21
N PRO C 63 3.75 37.21 5.43
CA PRO C 63 2.35 36.97 5.78
C PRO C 63 1.43 38.08 5.31
N THR C 64 1.07 38.06 4.03
CA THR C 64 0.21 39.06 3.45
C THR C 64 -0.89 38.36 2.66
N LEU C 65 -1.06 37.07 2.95
CA LEU C 65 -2.05 36.22 2.29
C LEU C 65 -3.44 36.53 2.84
N THR C 66 -4.33 37.02 1.98
CA THR C 66 -5.68 37.37 2.37
C THR C 66 -6.60 36.16 2.45
N ALA C 67 -7.80 36.36 2.99
CA ALA C 67 -8.78 35.29 3.14
C ALA C 67 -9.41 34.88 1.81
N HIS C 68 -9.47 35.81 0.86
CA HIS C 68 -10.04 35.53 -0.45
C HIS C 68 -9.01 34.68 -1.18
N GLN C 69 -7.76 35.14 -1.17
CA GLN C 69 -6.66 34.42 -1.80
C GLN C 69 -6.65 32.96 -1.35
N SER C 70 -6.66 32.76 -0.04
CA SER C 70 -6.62 31.41 0.54
C SER C 70 -7.84 30.59 0.17
N ASN C 71 -9.02 31.17 0.34
CA ASN C 71 -10.25 30.46 0.04
C ASN C 71 -10.22 29.91 -1.37
N ARG C 72 -9.68 30.71 -2.29
CA ARG C 72 -9.57 30.34 -3.69
C ARG C 72 -8.59 29.19 -3.89
N VAL C 73 -7.32 29.42 -3.56
CA VAL C 73 -6.29 28.40 -3.72
C VAL C 73 -6.66 27.09 -3.03
N CYS C 74 -7.46 27.15 -1.97
CA CYS C 74 -7.88 25.92 -1.28
C CYS C 74 -8.86 25.14 -2.14
N ASN C 75 -9.51 25.84 -3.07
CA ASN C 75 -10.43 25.18 -3.97
C ASN C 75 -9.61 24.36 -4.96
N ALA C 76 -8.52 24.93 -5.44
CA ALA C 76 -7.63 24.23 -6.36
C ALA C 76 -7.00 23.07 -5.62
N LEU C 77 -6.52 23.35 -4.41
CA LEU C 77 -5.89 22.32 -3.58
C LEU C 77 -6.85 21.16 -3.39
N ALA C 78 -8.12 21.47 -3.10
CA ALA C 78 -9.14 20.45 -2.90
C ALA C 78 -9.30 19.58 -4.14
N LEU C 79 -9.16 20.20 -5.31
CA LEU C 79 -9.26 19.46 -6.57
C LEU C 79 -8.00 18.62 -6.75
N LEU C 80 -6.87 19.11 -6.25
CA LEU C 80 -5.62 18.38 -6.35
C LEU C 80 -5.73 17.13 -5.47
N GLN C 81 -6.47 17.26 -4.37
CA GLN C 81 -6.65 16.12 -3.50
C GLN C 81 -7.48 15.03 -4.18
N CYS C 82 -8.43 15.44 -5.01
CA CYS C 82 -9.26 14.47 -5.75
C CYS C 82 -8.34 13.65 -6.64
N VAL C 83 -7.45 14.36 -7.32
CA VAL C 83 -6.50 13.74 -8.24
C VAL C 83 -5.52 12.83 -7.49
N ALA C 84 -5.14 13.25 -6.29
CA ALA C 84 -4.22 12.44 -5.50
C ALA C 84 -4.94 11.16 -5.06
N SER C 85 -6.24 11.28 -4.81
CA SER C 85 -7.09 10.19 -4.34
C SER C 85 -7.49 9.11 -5.35
N HIS C 86 -7.56 9.46 -6.62
CA HIS C 86 -7.99 8.50 -7.64
C HIS C 86 -6.92 7.54 -8.15
N PRO C 87 -7.20 6.23 -8.09
CA PRO C 87 -6.23 5.23 -8.55
C PRO C 87 -5.79 5.43 -10.00
N GLU C 88 -6.63 6.09 -10.79
CA GLU C 88 -6.29 6.33 -12.18
C GLU C 88 -5.30 7.48 -12.35
N THR C 89 -5.33 8.45 -11.43
CA THR C 89 -4.44 9.59 -11.53
C THR C 89 -3.29 9.67 -10.52
N ARG C 90 -3.31 8.81 -9.51
CA ARG C 90 -2.26 8.84 -8.49
C ARG C 90 -0.83 8.79 -9.03
N SER C 91 -0.45 7.70 -9.69
CA SER C 91 0.90 7.58 -10.21
C SER C 91 1.29 8.81 -11.03
N ALA C 92 0.34 9.34 -11.79
CA ALA C 92 0.59 10.51 -12.64
C ALA C 92 0.74 11.77 -11.80
N PHE C 93 0.07 11.78 -10.66
CA PHE C 93 0.12 12.90 -9.74
C PHE C 93 1.52 12.94 -9.15
N LEU C 94 2.05 11.77 -8.78
CA LEU C 94 3.38 11.68 -8.21
C LEU C 94 4.43 12.06 -9.24
N ALA C 95 4.24 11.58 -10.47
CA ALA C 95 5.18 11.88 -11.55
C ALA C 95 5.21 13.37 -11.80
N ALA C 96 4.08 14.02 -11.57
CA ALA C 96 4.00 15.46 -11.76
C ALA C 96 4.65 16.20 -10.59
N HIS C 97 5.08 15.44 -9.58
CA HIS C 97 5.75 16.02 -8.41
C HIS C 97 4.92 17.09 -7.72
N ILE C 98 3.60 16.96 -7.78
CA ILE C 98 2.72 17.95 -7.19
C ILE C 98 2.94 18.27 -5.70
N PRO C 99 3.18 17.25 -4.86
CA PRO C 99 3.39 17.56 -3.43
C PRO C 99 4.45 18.64 -3.22
N LEU C 100 5.47 18.66 -4.08
CA LEU C 100 6.53 19.64 -3.96
C LEU C 100 6.03 21.08 -4.04
N PHE C 101 4.91 21.28 -4.72
CA PHE C 101 4.34 22.61 -4.87
C PHE C 101 3.61 23.06 -3.60
N LEU C 102 3.21 22.10 -2.76
CA LEU C 102 2.51 22.38 -1.52
C LEU C 102 3.42 22.59 -0.32
N TYR C 103 4.61 22.02 -0.35
CA TYR C 103 5.51 22.16 0.80
C TYR C 103 5.70 23.58 1.31
N PRO C 104 5.87 24.56 0.40
CA PRO C 104 6.05 25.95 0.85
C PRO C 104 4.93 26.39 1.79
N PHE C 105 3.72 25.95 1.49
CA PHE C 105 2.57 26.25 2.32
C PHE C 105 2.70 25.61 3.71
N LEU C 106 3.28 24.41 3.77
CA LEU C 106 3.45 23.72 5.05
C LEU C 106 4.55 24.34 5.90
N HIS C 107 5.35 25.22 5.31
CA HIS C 107 6.44 25.90 6.00
C HIS C 107 6.01 27.21 6.67
N THR C 108 4.80 27.69 6.40
CA THR C 108 4.34 28.94 7.01
C THR C 108 3.89 28.71 8.45
N VAL C 109 4.00 29.73 9.29
CA VAL C 109 3.60 29.61 10.68
C VAL C 109 2.48 30.54 11.12
N SER C 110 2.12 31.49 10.27
CA SER C 110 1.04 32.42 10.58
C SER C 110 -0.18 31.67 11.10
N LYS C 111 -0.79 32.19 12.16
CA LYS C 111 -1.96 31.53 12.72
C LYS C 111 -3.32 32.06 12.25
N THR C 112 -3.31 33.00 11.31
CA THR C 112 -4.57 33.55 10.79
C THR C 112 -5.37 32.42 10.16
N ARG C 113 -6.69 32.61 10.06
CA ARG C 113 -7.55 31.60 9.47
C ARG C 113 -7.15 31.24 8.04
N PRO C 114 -6.73 32.25 7.25
CA PRO C 114 -6.32 32.01 5.86
C PRO C 114 -5.13 31.05 5.76
N PHE C 115 -4.10 31.31 6.57
CA PHE C 115 -2.91 30.46 6.58
C PHE C 115 -3.21 29.10 7.21
N GLU C 116 -4.00 29.10 8.28
CA GLU C 116 -4.34 27.85 8.94
C GLU C 116 -5.16 26.95 8.01
N TYR C 117 -5.99 27.57 7.19
CA TYR C 117 -6.83 26.79 6.27
C TYR C 117 -5.98 26.33 5.10
N LEU C 118 -5.02 27.16 4.71
CA LEU C 118 -4.11 26.83 3.62
C LEU C 118 -3.36 25.53 3.93
N ARG C 119 -2.89 25.41 5.18
CA ARG C 119 -2.14 24.23 5.61
C ARG C 119 -2.96 22.96 5.77
N LEU C 120 -4.12 23.08 6.38
CA LEU C 120 -4.98 21.93 6.59
C LEU C 120 -5.31 21.26 5.26
N THR C 121 -5.69 22.07 4.26
CA THR C 121 -6.03 21.53 2.95
C THR C 121 -4.81 20.88 2.30
N SER C 122 -3.67 21.55 2.38
CA SER C 122 -2.43 21.01 1.81
C SER C 122 -2.12 19.64 2.42
N LEU C 123 -2.23 19.55 3.74
CA LEU C 123 -1.99 18.32 4.47
C LEU C 123 -3.01 17.26 4.07
N GLY C 124 -4.21 17.71 3.72
CA GLY C 124 -5.24 16.78 3.29
C GLY C 124 -4.83 16.10 2.01
N VAL C 125 -4.24 16.87 1.11
CA VAL C 125 -3.76 16.34 -0.16
C VAL C 125 -2.73 15.24 0.11
N ILE C 126 -1.79 15.50 1.00
CA ILE C 126 -0.76 14.52 1.33
C ILE C 126 -1.41 13.32 1.99
N GLY C 127 -2.32 13.60 2.92
CA GLY C 127 -3.03 12.55 3.63
C GLY C 127 -3.72 11.56 2.72
N ALA C 128 -4.32 12.05 1.64
CA ALA C 128 -5.01 11.17 0.69
C ALA C 128 -3.99 10.37 -0.06
N LEU C 129 -2.84 10.98 -0.30
CA LEU C 129 -1.76 10.33 -1.02
C LEU C 129 -1.30 9.09 -0.28
N VAL C 130 -1.04 9.21 1.02
CA VAL C 130 -0.57 8.08 1.81
C VAL C 130 -1.61 7.03 2.22
N LYS C 131 -2.88 7.37 2.20
CA LYS C 131 -3.91 6.41 2.57
C LYS C 131 -3.74 5.09 1.81
N THR C 132 -3.13 5.16 0.64
CA THR C 132 -2.93 4.00 -0.24
C THR C 132 -1.78 3.04 0.14
N ASP C 133 -0.80 3.52 0.89
CA ASP C 133 0.33 2.68 1.30
C ASP C 133 1.27 2.33 0.15
N GLU C 134 0.98 2.81 -1.04
CA GLU C 134 1.80 2.50 -2.20
C GLU C 134 3.27 2.84 -2.00
N GLN C 135 4.12 1.84 -2.25
CA GLN C 135 5.56 2.01 -2.10
C GLN C 135 6.08 3.27 -2.78
N GLU C 136 5.67 3.47 -4.03
CA GLU C 136 6.09 4.65 -4.80
C GLU C 136 5.76 5.97 -4.11
N VAL C 137 4.58 6.09 -3.50
CA VAL C 137 4.26 7.35 -2.86
C VAL C 137 5.07 7.58 -1.58
N ILE C 138 5.38 6.50 -0.86
CA ILE C 138 6.16 6.66 0.36
C ILE C 138 7.59 7.01 0.04
N ASN C 139 8.18 6.37 -0.96
CA ASN C 139 9.55 6.70 -1.30
C ASN C 139 9.64 8.12 -1.89
N PHE C 140 8.59 8.55 -2.58
CA PHE C 140 8.59 9.91 -3.12
C PHE C 140 8.58 10.91 -1.95
N LEU C 141 7.66 10.72 -1.01
CA LEU C 141 7.58 11.64 0.14
C LEU C 141 8.89 11.59 0.95
N LEU C 142 9.44 10.40 1.14
CA LEU C 142 10.69 10.25 1.87
C LEU C 142 11.81 11.04 1.21
N THR C 143 11.93 10.89 -0.10
CA THR C 143 12.98 11.56 -0.87
C THR C 143 12.79 13.09 -0.97
N THR C 144 11.59 13.58 -0.67
CA THR C 144 11.37 15.02 -0.74
C THR C 144 11.27 15.68 0.63
N GLU C 145 11.90 15.06 1.62
CA GLU C 145 11.93 15.57 3.00
C GLU C 145 10.56 15.75 3.66
N ILE C 146 9.67 14.80 3.45
CA ILE C 146 8.35 14.88 4.08
C ILE C 146 8.42 14.70 5.61
N ILE C 147 9.44 14.01 6.11
CA ILE C 147 9.57 13.78 7.56
C ILE C 147 9.77 15.11 8.29
N PRO C 148 10.83 15.87 7.93
CA PRO C 148 11.00 17.15 8.63
C PRO C 148 9.72 17.98 8.68
N LEU C 149 8.99 18.03 7.56
CA LEU C 149 7.76 18.80 7.49
C LEU C 149 6.71 18.31 8.45
N CYS C 150 6.51 17.00 8.51
CA CYS C 150 5.55 16.41 9.42
C CYS C 150 5.94 16.79 10.86
N LEU C 151 7.22 16.61 11.18
CA LEU C 151 7.71 16.91 12.52
C LEU C 151 7.54 18.39 12.86
N ARG C 152 7.81 19.27 11.90
CA ARG C 152 7.65 20.71 12.12
C ARG C 152 6.20 21.01 12.49
N ILE C 153 5.26 20.46 11.74
CA ILE C 153 3.86 20.70 12.04
C ILE C 153 3.45 20.03 13.34
N MET C 154 3.98 18.84 13.59
CA MET C 154 3.65 18.11 14.83
C MET C 154 4.22 18.86 16.02
N GLU C 155 5.32 19.58 15.78
CA GLU C 155 6.00 20.33 16.82
C GLU C 155 5.22 21.52 17.38
N SER C 156 4.53 22.27 16.52
CA SER C 156 3.78 23.41 17.04
C SER C 156 2.66 23.91 16.14
N GLY C 157 1.96 22.99 15.49
CA GLY C 157 0.85 23.39 14.64
C GLY C 157 -0.43 23.30 15.43
N SER C 158 -1.57 23.47 14.77
CA SER C 158 -2.86 23.38 15.45
C SER C 158 -3.17 21.94 15.82
N GLU C 159 -4.27 21.75 16.53
CA GLU C 159 -4.70 20.43 16.95
C GLU C 159 -5.07 19.57 15.74
N LEU C 160 -5.69 20.18 14.74
CA LEU C 160 -6.08 19.46 13.54
C LEU C 160 -4.86 19.15 12.69
N SER C 161 -4.00 20.15 12.51
CA SER C 161 -2.80 19.96 11.73
C SER C 161 -1.94 18.85 12.34
N LYS C 162 -1.69 18.94 13.64
CA LYS C 162 -0.89 17.94 14.34
C LYS C 162 -1.40 16.52 14.09
N THR C 163 -2.72 16.36 14.08
CA THR C 163 -3.32 15.05 13.86
C THR C 163 -3.09 14.47 12.47
N VAL C 164 -3.20 15.29 11.43
CA VAL C 164 -2.99 14.82 10.07
C VAL C 164 -1.50 14.57 9.83
N ALA C 165 -0.68 15.49 10.30
CA ALA C 165 0.76 15.36 10.14
C ALA C 165 1.23 14.08 10.82
N THR C 166 0.70 13.80 12.00
CA THR C 166 1.10 12.59 12.70
C THR C 166 0.59 11.37 11.94
N PHE C 167 -0.58 11.52 11.34
CA PHE C 167 -1.19 10.45 10.56
C PHE C 167 -0.27 10.10 9.38
N ILE C 168 0.27 11.13 8.73
CA ILE C 168 1.14 10.91 7.59
C ILE C 168 2.43 10.21 8.01
N LEU C 169 3.02 10.68 9.10
CA LEU C 169 4.23 10.08 9.63
C LEU C 169 3.96 8.61 9.93
N GLN C 170 2.77 8.34 10.45
CA GLN C 170 2.36 6.97 10.77
C GLN C 170 2.44 6.06 9.56
N LYS C 171 1.82 6.53 8.48
CA LYS C 171 1.79 5.79 7.23
C LYS C 171 3.19 5.50 6.74
N ILE C 172 4.06 6.48 6.84
CA ILE C 172 5.43 6.30 6.41
C ILE C 172 6.14 5.27 7.30
N LEU C 173 5.91 5.33 8.61
CA LEU C 173 6.56 4.38 9.52
C LEU C 173 6.09 2.96 9.24
N LEU C 174 4.82 2.81 8.85
CA LEU C 174 4.21 1.52 8.52
C LEU C 174 5.00 0.76 7.43
N ASP C 175 5.51 1.51 6.46
CA ASP C 175 6.30 0.91 5.39
C ASP C 175 7.67 0.51 5.95
N ASP C 176 8.15 -0.68 5.61
CA ASP C 176 9.46 -1.10 6.10
C ASP C 176 10.54 -0.09 5.77
N THR C 177 10.46 0.46 4.55
CA THR C 177 11.44 1.44 4.08
C THR C 177 11.40 2.70 4.94
N GLY C 178 10.19 3.15 5.26
CA GLY C 178 10.05 4.34 6.07
C GLY C 178 10.62 4.12 7.46
N LEU C 179 10.29 2.98 8.06
CA LEU C 179 10.78 2.66 9.40
C LEU C 179 12.30 2.55 9.39
N ALA C 180 12.84 1.86 8.39
CA ALA C 180 14.28 1.68 8.29
C ALA C 180 14.94 3.03 8.07
N TYR C 181 14.30 3.92 7.31
CA TYR C 181 14.88 5.24 7.08
C TYR C 181 14.87 6.08 8.37
N ILE C 182 13.77 6.01 9.12
CA ILE C 182 13.69 6.79 10.37
C ILE C 182 14.76 6.35 11.37
N CYS C 183 15.01 5.04 11.45
CA CYS C 183 15.98 4.49 12.40
C CYS C 183 17.39 4.35 11.82
N GLN C 184 17.61 4.94 10.64
CA GLN C 184 18.91 4.86 9.98
C GLN C 184 20.04 5.61 10.67
N THR C 185 19.73 6.72 11.32
CA THR C 185 20.78 7.48 12.01
C THR C 185 20.36 7.76 13.44
N TYR C 186 21.34 8.00 14.31
CA TYR C 186 21.05 8.27 15.72
C TYR C 186 20.13 9.50 15.85
N GLU C 187 20.53 10.57 15.21
CA GLU C 187 19.81 11.84 15.24
C GLU C 187 18.38 11.81 14.70
N ARG C 188 18.19 11.26 13.50
CA ARG C 188 16.85 11.22 12.91
C ARG C 188 15.88 10.54 13.89
N PHE C 189 16.21 9.32 14.29
CA PHE C 189 15.35 8.62 15.23
C PHE C 189 15.18 9.45 16.49
N SER C 190 16.28 9.96 17.02
CA SER C 190 16.25 10.76 18.24
C SER C 190 15.30 11.96 18.12
N HIS C 191 15.33 12.66 16.99
CA HIS C 191 14.47 13.81 16.79
C HIS C 191 12.99 13.44 16.76
N VAL C 192 12.62 12.39 16.02
CA VAL C 192 11.21 11.99 15.97
C VAL C 192 10.74 11.53 17.35
N ALA C 193 11.58 10.77 18.04
CA ALA C 193 11.23 10.29 19.38
C ALA C 193 10.99 11.49 20.28
N MET C 194 11.83 12.50 20.14
CA MET C 194 11.70 13.70 20.95
C MET C 194 10.37 14.42 20.72
N ILE C 195 10.01 14.63 19.45
CA ILE C 195 8.76 15.30 19.10
C ILE C 195 7.55 14.51 19.60
N LEU C 196 7.55 13.20 19.37
CA LEU C 196 6.43 12.37 19.82
C LEU C 196 6.30 12.45 21.35
N GLY C 197 7.44 12.56 22.03
CA GLY C 197 7.44 12.63 23.49
C GLY C 197 6.83 13.94 23.97
N LYS C 198 7.29 15.05 23.40
CA LYS C 198 6.77 16.36 23.78
C LYS C 198 5.27 16.41 23.54
N MET C 199 4.81 15.71 22.50
CA MET C 199 3.39 15.66 22.19
C MET C 199 2.66 14.82 23.22
N VAL C 200 3.34 13.82 23.77
CA VAL C 200 2.74 12.95 24.77
C VAL C 200 2.46 13.77 26.02
N LEU C 201 3.40 14.63 26.39
CA LEU C 201 3.21 15.50 27.55
C LEU C 201 1.96 16.35 27.29
N GLN C 202 1.95 17.07 26.17
CA GLN C 202 0.83 17.93 25.79
C GLN C 202 -0.50 17.18 25.73
N LEU C 203 -0.48 15.97 25.17
CA LEU C 203 -1.68 15.14 25.07
C LEU C 203 -2.21 14.89 26.47
N SER C 204 -1.30 14.68 27.41
CA SER C 204 -1.68 14.43 28.79
C SER C 204 -2.49 15.59 29.35
N LYS C 205 -1.86 16.77 29.38
CA LYS C 205 -2.47 17.98 29.90
C LYS C 205 -3.70 18.45 29.12
N GLU C 206 -3.59 18.53 27.79
CA GLU C 206 -4.71 18.96 26.94
C GLU C 206 -5.10 17.80 26.03
N PRO C 207 -5.77 16.78 26.59
CA PRO C 207 -6.23 15.57 25.89
C PRO C 207 -6.76 15.70 24.46
N SER C 208 -6.64 14.62 23.70
CA SER C 208 -7.08 14.55 22.30
C SER C 208 -6.94 13.09 21.85
N ALA C 209 -8.08 12.41 21.73
CA ALA C 209 -8.11 11.00 21.36
C ALA C 209 -7.51 10.63 20.01
N ARG C 210 -7.81 11.41 18.98
CA ARG C 210 -7.30 11.08 17.66
C ARG C 210 -5.80 11.27 17.59
N LEU C 211 -5.29 12.35 18.18
CA LEU C 211 -3.86 12.58 18.15
C LEU C 211 -3.17 11.46 18.91
N LEU C 212 -3.70 11.12 20.08
CA LEU C 212 -3.14 10.07 20.92
C LEU C 212 -3.03 8.73 20.20
N LYS C 213 -4.08 8.37 19.45
CA LYS C 213 -4.08 7.11 18.73
C LYS C 213 -2.87 7.03 17.80
N HIS C 214 -2.73 8.04 16.96
CA HIS C 214 -1.62 8.09 16.00
C HIS C 214 -0.27 8.10 16.71
N VAL C 215 -0.17 8.84 17.80
CA VAL C 215 1.09 8.92 18.56
C VAL C 215 1.42 7.52 19.08
N VAL C 216 0.40 6.79 19.52
CA VAL C 216 0.59 5.43 20.01
C VAL C 216 1.04 4.50 18.89
N ARG C 217 0.37 4.62 17.73
CA ARG C 217 0.70 3.77 16.60
C ARG C 217 2.12 3.96 16.11
N CYS C 218 2.60 5.20 16.10
CA CYS C 218 3.94 5.51 15.66
C CYS C 218 4.97 4.86 16.60
N TYR C 219 4.74 4.95 17.91
CA TYR C 219 5.65 4.33 18.88
C TYR C 219 5.67 2.81 18.69
N LEU C 220 4.49 2.23 18.55
CA LEU C 220 4.37 0.79 18.36
C LEU C 220 5.19 0.34 17.16
N ARG C 221 5.00 1.01 16.03
CA ARG C 221 5.75 0.67 14.84
C ARG C 221 7.24 0.87 15.09
N LEU C 222 7.61 1.94 15.77
CA LEU C 222 9.03 2.16 16.06
C LEU C 222 9.63 1.03 16.91
N SER C 223 8.80 0.36 17.69
CA SER C 223 9.30 -0.73 18.51
C SER C 223 9.54 -2.01 17.71
N ASP C 224 9.24 -1.98 16.41
CA ASP C 224 9.46 -3.13 15.54
C ASP C 224 10.93 -3.17 15.10
N ASN C 225 11.61 -2.05 15.30
CA ASN C 225 13.00 -1.96 14.93
C ASN C 225 13.87 -2.13 16.17
N PRO C 226 14.86 -3.05 16.09
CA PRO C 226 15.78 -3.32 17.21
C PRO C 226 16.90 -2.30 17.13
N ARG C 227 16.69 -1.20 17.82
CA ARG C 227 17.64 -0.09 17.82
C ARG C 227 16.80 1.01 18.44
N ALA C 228 15.55 1.07 18.00
CA ALA C 228 14.58 2.04 18.49
C ALA C 228 13.90 1.39 19.69
N ARG C 229 13.70 0.08 19.58
CA ARG C 229 13.07 -0.71 20.63
C ARG C 229 13.87 -0.55 21.91
N GLU C 230 15.19 -0.65 21.79
CA GLU C 230 16.06 -0.50 22.93
C GLU C 230 16.06 0.95 23.37
N ALA C 231 16.32 1.84 22.41
CA ALA C 231 16.34 3.27 22.69
C ALA C 231 15.08 3.70 23.45
N LEU C 232 13.96 3.07 23.12
CA LEU C 232 12.68 3.38 23.76
C LEU C 232 12.46 2.69 25.11
N ARG C 233 13.29 1.70 25.44
CA ARG C 233 13.13 1.03 26.72
C ARG C 233 13.57 1.99 27.82
N GLN C 234 14.33 3.01 27.44
CA GLN C 234 14.84 3.97 28.39
C GLN C 234 14.39 5.41 28.12
N CYS C 235 13.71 5.65 27.01
CA CYS C 235 13.28 7.01 26.71
C CYS C 235 11.77 7.15 26.55
N LEU C 236 11.04 6.03 26.56
CA LEU C 236 9.60 6.08 26.41
C LEU C 236 8.97 6.88 27.55
N PRO C 237 8.22 7.95 27.20
CA PRO C 237 7.58 8.81 28.19
C PRO C 237 6.75 8.04 29.23
N ASP C 238 6.98 8.38 30.49
CA ASP C 238 6.30 7.76 31.63
C ASP C 238 4.80 7.51 31.48
N GLN C 239 4.06 8.50 30.99
CA GLN C 239 2.61 8.37 30.84
C GLN C 239 2.13 7.27 29.93
N LEU C 240 3.02 6.71 29.12
CA LEU C 240 2.61 5.62 28.24
C LEU C 240 2.90 4.31 28.95
N LYS C 241 3.59 4.41 30.09
CA LYS C 241 3.95 3.27 30.92
C LYS C 241 3.14 3.28 32.22
N ASP C 242 2.76 4.46 32.67
CA ASP C 242 2.00 4.60 33.92
C ASP C 242 0.48 4.71 33.72
N THR C 243 -0.20 5.23 34.72
CA THR C 243 -1.66 5.37 34.70
C THR C 243 -2.19 6.71 34.19
N THR C 244 -1.68 7.14 33.05
CA THR C 244 -2.12 8.38 32.43
C THR C 244 -2.87 7.93 31.19
N PHE C 245 -3.78 8.76 30.68
CA PHE C 245 -4.55 8.39 29.49
C PHE C 245 -5.42 7.18 29.79
N ALA C 246 -5.13 6.52 30.91
CA ALA C 246 -5.86 5.32 31.31
C ALA C 246 -7.36 5.52 31.23
N GLN C 247 -7.84 6.65 31.76
CA GLN C 247 -9.26 6.97 31.77
C GLN C 247 -9.80 7.19 30.35
N VAL C 248 -9.20 8.14 29.63
CA VAL C 248 -9.63 8.46 28.27
C VAL C 248 -9.40 7.31 27.31
N LEU C 249 -8.70 6.28 27.77
CA LEU C 249 -8.41 5.14 26.91
C LEU C 249 -9.28 3.93 27.27
N LYS C 250 -10.03 4.03 28.37
CA LYS C 250 -10.89 2.92 28.77
C LYS C 250 -11.92 2.67 27.67
N ASP C 251 -12.15 3.69 26.84
CA ASP C 251 -13.08 3.58 25.73
C ASP C 251 -12.35 3.12 24.47
N ASP C 252 -11.38 3.92 24.02
CA ASP C 252 -10.59 3.61 22.84
C ASP C 252 -9.87 2.28 23.05
N THR C 253 -10.52 1.20 22.64
CA THR C 253 -9.96 -0.13 22.82
C THR C 253 -8.75 -0.44 21.94
N THR C 254 -8.80 -0.06 20.66
CA THR C 254 -7.70 -0.32 19.76
C THR C 254 -6.39 0.31 20.23
N THR C 255 -6.43 1.58 20.60
CA THR C 255 -5.25 2.27 21.07
C THR C 255 -4.76 1.61 22.35
N LYS C 256 -5.71 1.15 23.15
CA LYS C 256 -5.40 0.48 24.40
C LYS C 256 -4.56 -0.74 24.11
N ARG C 257 -4.95 -1.48 23.08
CA ARG C 257 -4.24 -2.69 22.69
C ARG C 257 -2.83 -2.33 22.23
N TRP C 258 -2.77 -1.43 21.24
CA TRP C 258 -1.51 -0.98 20.67
C TRP C 258 -0.52 -0.59 21.75
N LEU C 259 -0.97 0.23 22.70
CA LEU C 259 -0.11 0.68 23.77
C LEU C 259 0.46 -0.52 24.53
N ALA C 260 -0.42 -1.47 24.84
CA ALA C 260 -0.02 -2.67 25.56
C ALA C 260 1.05 -3.44 24.78
N GLN C 261 0.81 -3.60 23.48
CA GLN C 261 1.74 -4.31 22.60
C GLN C 261 3.10 -3.60 22.62
N LEU C 262 3.04 -2.27 22.69
CA LEU C 262 4.25 -1.45 22.72
C LEU C 262 5.05 -1.75 23.98
N VAL C 263 4.41 -1.62 25.14
CA VAL C 263 5.09 -1.91 26.40
C VAL C 263 5.59 -3.34 26.36
N LYS C 264 4.76 -4.23 25.84
CA LYS C 264 5.11 -5.64 25.73
C LYS C 264 6.37 -5.80 24.86
N ASN C 265 6.43 -5.05 23.76
CA ASN C 265 7.59 -5.12 22.86
C ASN C 265 8.88 -4.65 23.55
N LEU C 266 8.76 -3.84 24.58
CA LEU C 266 9.94 -3.34 25.27
C LEU C 266 10.45 -4.28 26.34
N GLN C 267 9.69 -5.34 26.61
CA GLN C 267 10.08 -6.34 27.60
C GLN C 267 11.38 -6.97 27.09
N GLU C 268 11.69 -6.66 25.83
CA GLU C 268 12.88 -7.16 25.15
C GLU C 268 13.57 -6.03 24.38
N ASP D 1 39.11 12.03 -8.64
CA ASP D 1 38.32 13.15 -8.08
C ASP D 1 36.86 13.03 -8.51
N ARG D 2 36.53 11.92 -9.14
CA ARG D 2 35.17 11.68 -9.58
C ARG D 2 34.35 11.33 -8.33
N GLU D 3 35.06 10.95 -7.27
CA GLU D 3 34.41 10.63 -6.01
C GLU D 3 33.99 11.94 -5.36
N LYS D 4 34.67 13.02 -5.76
CA LYS D 4 34.37 14.35 -5.23
C LYS D 4 33.04 14.86 -5.80
N ILE D 5 32.67 14.32 -6.96
CA ILE D 5 31.41 14.70 -7.59
C ILE D 5 30.26 14.04 -6.82
N TYR D 6 30.39 12.75 -6.56
CA TYR D 6 29.35 12.03 -5.82
C TYR D 6 29.22 12.62 -4.43
N GLN D 7 30.35 12.98 -3.81
CA GLN D 7 30.34 13.58 -2.49
C GLN D 7 29.59 14.91 -2.53
N TRP D 8 29.90 15.74 -3.51
CA TRP D 8 29.23 17.03 -3.61
C TRP D 8 27.73 16.88 -3.85
N ILE D 9 27.35 15.89 -4.64
CA ILE D 9 25.94 15.66 -4.90
C ILE D 9 25.23 15.31 -3.59
N ASN D 10 25.84 14.41 -2.81
CA ASN D 10 25.28 14.01 -1.52
C ASN D 10 25.21 15.20 -0.57
N GLU D 11 26.22 16.06 -0.62
CA GLU D 11 26.29 17.24 0.24
C GLU D 11 25.27 18.34 -0.08
N LEU D 12 24.51 18.13 -1.14
CA LEU D 12 23.48 19.10 -1.55
C LEU D 12 22.25 19.05 -0.62
N SER D 13 21.90 17.85 -0.18
CA SER D 13 20.73 17.65 0.67
C SER D 13 20.84 18.14 2.09
N SER D 14 21.89 18.88 2.40
CA SER D 14 22.04 19.43 3.74
C SER D 14 22.46 20.89 3.68
N PRO D 15 21.71 21.76 4.38
CA PRO D 15 21.98 23.20 4.42
C PRO D 15 23.41 23.44 4.88
N GLU D 16 23.89 22.53 5.69
CA GLU D 16 25.24 22.60 6.24
C GLU D 16 26.34 22.59 5.17
N THR D 17 26.13 21.84 4.09
CA THR D 17 27.14 21.73 3.03
C THR D 17 26.67 22.03 1.60
N ARG D 18 25.41 22.41 1.46
CA ARG D 18 24.83 22.69 0.15
C ARG D 18 25.45 23.84 -0.62
N GLU D 19 25.69 24.97 0.05
CA GLU D 19 26.25 26.13 -0.64
C GLU D 19 27.59 25.85 -1.33
N ASN D 20 28.47 25.10 -0.68
CA ASN D 20 29.75 24.77 -1.30
C ASN D 20 29.52 23.79 -2.43
N ALA D 21 28.63 22.83 -2.21
CA ALA D 21 28.32 21.82 -3.21
C ALA D 21 27.76 22.47 -4.48
N LEU D 22 26.82 23.41 -4.32
CA LEU D 22 26.24 24.11 -5.47
C LEU D 22 27.36 24.79 -6.25
N LEU D 23 28.24 25.48 -5.53
CA LEU D 23 29.33 26.19 -6.16
C LEU D 23 30.27 25.28 -6.96
N GLU D 24 30.78 24.24 -6.31
CA GLU D 24 31.71 23.29 -6.94
C GLU D 24 31.05 22.55 -8.10
N LEU D 25 29.87 22.01 -7.85
CA LEU D 25 29.11 21.26 -8.85
C LEU D 25 28.80 22.11 -10.08
N SER D 26 28.42 23.36 -9.85
CA SER D 26 28.09 24.26 -10.94
C SER D 26 29.34 24.55 -11.77
N LYS D 27 30.48 24.69 -11.11
CA LYS D 27 31.75 24.96 -11.78
C LYS D 27 32.17 23.84 -12.74
N LYS D 28 31.81 22.61 -12.42
CA LYS D 28 32.16 21.47 -13.26
C LYS D 28 31.02 20.81 -14.02
N ARG D 29 29.86 21.47 -14.10
CA ARG D 29 28.73 20.86 -14.80
C ARG D 29 29.02 20.43 -16.23
N GLU D 30 29.78 21.23 -16.97
CA GLU D 30 30.10 20.89 -18.34
C GLU D 30 31.11 19.75 -18.48
N SER D 31 31.81 19.46 -17.39
CA SER D 31 32.80 18.39 -17.38
C SER D 31 32.16 17.06 -17.00
N VAL D 32 30.94 17.11 -16.46
CA VAL D 32 30.25 15.89 -16.05
C VAL D 32 28.98 15.67 -16.85
N PRO D 33 29.11 15.01 -18.02
CA PRO D 33 28.00 14.69 -18.93
C PRO D 33 26.84 13.89 -18.34
N ASP D 34 27.09 13.15 -17.27
CA ASP D 34 26.03 12.38 -16.63
C ASP D 34 25.56 13.03 -15.33
N LEU D 35 25.95 14.28 -15.10
CA LEU D 35 25.55 15.00 -13.91
C LEU D 35 24.03 14.99 -13.77
N ALA D 36 23.36 15.43 -14.83
CA ALA D 36 21.90 15.49 -14.85
C ALA D 36 21.23 14.26 -14.26
N PRO D 37 21.41 13.09 -14.91
CA PRO D 37 20.78 11.87 -14.39
C PRO D 37 21.24 11.53 -12.97
N MET D 38 22.47 11.89 -12.61
CA MET D 38 22.92 11.59 -11.26
C MET D 38 22.15 12.50 -10.30
N LEU D 39 21.96 13.76 -10.68
CA LEU D 39 21.23 14.70 -9.84
C LEU D 39 19.79 14.22 -9.69
N TRP D 40 19.16 13.86 -10.81
CA TRP D 40 17.77 13.43 -10.83
C TRP D 40 17.46 12.18 -10.02
N HIS D 41 18.34 11.19 -10.07
CA HIS D 41 18.09 9.94 -9.35
C HIS D 41 18.69 9.86 -7.95
N SER D 42 19.18 10.98 -7.41
CA SER D 42 19.78 10.98 -6.09
C SER D 42 18.84 11.43 -4.96
N PHE D 43 18.59 10.53 -4.02
CA PHE D 43 17.71 10.78 -2.88
C PHE D 43 17.80 12.21 -2.34
N GLY D 44 16.66 12.92 -2.36
CA GLY D 44 16.61 14.29 -1.86
C GLY D 44 17.33 15.38 -2.65
N THR D 45 18.04 15.01 -3.70
CA THR D 45 18.78 15.99 -4.51
C THR D 45 17.94 17.08 -5.19
N ILE D 46 16.94 16.69 -5.97
CA ILE D 46 16.11 17.66 -6.64
C ILE D 46 15.28 18.47 -5.65
N ALA D 47 14.86 17.84 -4.56
CA ALA D 47 14.09 18.54 -3.54
C ALA D 47 14.96 19.64 -2.95
N ALA D 48 16.23 19.34 -2.75
CA ALA D 48 17.16 20.32 -2.19
C ALA D 48 17.36 21.48 -3.16
N LEU D 49 17.53 21.17 -4.43
CA LEU D 49 17.73 22.23 -5.42
C LEU D 49 16.51 23.16 -5.45
N LEU D 50 15.31 22.60 -5.43
CA LEU D 50 14.09 23.42 -5.46
C LEU D 50 13.97 24.22 -4.17
N GLN D 51 14.52 23.67 -3.08
CA GLN D 51 14.47 24.36 -1.81
C GLN D 51 15.27 25.66 -1.92
N GLU D 52 16.34 25.64 -2.73
CA GLU D 52 17.15 26.84 -2.90
C GLU D 52 16.34 27.91 -3.64
N ILE D 53 15.51 27.46 -4.57
CA ILE D 53 14.69 28.39 -5.33
C ILE D 53 13.62 29.01 -4.45
N VAL D 54 12.90 28.16 -3.70
CA VAL D 54 11.83 28.63 -2.83
C VAL D 54 12.31 29.58 -1.74
N ASN D 55 13.51 29.33 -1.22
CA ASN D 55 14.08 30.16 -0.16
C ASN D 55 14.44 31.57 -0.62
N ILE D 56 14.17 31.86 -1.88
CA ILE D 56 14.45 33.18 -2.44
C ILE D 56 13.16 33.97 -2.66
N TYR D 57 12.02 33.28 -2.62
CA TYR D 57 10.74 33.92 -2.82
C TYR D 57 10.52 35.11 -1.87
N PRO D 58 10.75 34.92 -0.56
CA PRO D 58 10.56 36.03 0.38
C PRO D 58 11.43 37.26 0.09
N SER D 59 12.40 37.10 -0.80
CA SER D 59 13.27 38.20 -1.16
C SER D 59 12.59 39.01 -2.28
N ILE D 60 11.37 38.62 -2.63
CA ILE D 60 10.62 39.29 -3.69
C ILE D 60 9.66 40.41 -3.24
N ASN D 61 8.63 40.06 -2.46
CA ASN D 61 7.63 41.03 -2.00
C ASN D 61 8.33 42.39 -1.92
N PRO D 62 9.34 42.52 -1.03
CA PRO D 62 10.06 43.79 -0.93
C PRO D 62 11.43 43.45 -1.53
N PRO D 63 11.72 43.92 -2.75
CA PRO D 63 12.98 43.67 -3.45
C PRO D 63 14.22 43.76 -2.59
N THR D 64 14.69 42.63 -2.06
CA THR D 64 15.87 42.64 -1.20
C THR D 64 16.98 41.71 -1.65
N LEU D 65 16.73 40.94 -2.70
CA LEU D 65 17.74 40.02 -3.22
C LEU D 65 19.09 40.72 -3.35
N THR D 66 20.16 40.06 -2.89
CA THR D 66 21.49 40.63 -2.97
C THR D 66 22.28 39.90 -4.05
N ALA D 67 23.50 40.34 -4.33
CA ALA D 67 24.33 39.70 -5.33
C ALA D 67 24.75 38.29 -4.91
N HIS D 68 25.03 38.10 -3.62
CA HIS D 68 25.42 36.78 -3.14
C HIS D 68 24.28 35.77 -3.21
N GLN D 69 23.08 36.19 -2.84
CA GLN D 69 21.91 35.31 -2.91
C GLN D 69 21.61 34.93 -4.35
N SER D 70 21.62 35.92 -5.23
CA SER D 70 21.36 35.72 -6.65
C SER D 70 22.32 34.67 -7.20
N ASN D 71 23.62 34.88 -7.00
CA ASN D 71 24.62 33.93 -7.48
C ASN D 71 24.43 32.54 -6.94
N ARG D 72 24.04 32.46 -5.67
CA ARG D 72 23.83 31.17 -5.04
C ARG D 72 22.68 30.44 -5.70
N VAL D 73 21.49 31.04 -5.71
CA VAL D 73 20.36 30.37 -6.35
C VAL D 73 20.60 30.14 -7.85
N CYS D 74 21.45 30.96 -8.47
CA CYS D 74 21.71 30.75 -9.88
C CYS D 74 22.58 29.50 -10.10
N ASN D 75 23.36 29.12 -9.09
CA ASN D 75 24.17 27.90 -9.20
C ASN D 75 23.18 26.73 -9.23
N ALA D 76 22.13 26.84 -8.41
CA ALA D 76 21.10 25.82 -8.38
C ALA D 76 20.40 25.78 -9.74
N LEU D 77 20.15 26.95 -10.31
CA LEU D 77 19.50 27.07 -11.60
C LEU D 77 20.39 26.42 -12.67
N ALA D 78 21.69 26.67 -12.59
CA ALA D 78 22.64 26.09 -13.53
C ALA D 78 22.51 24.56 -13.50
N LEU D 79 22.38 23.98 -12.31
CA LEU D 79 22.23 22.53 -12.19
C LEU D 79 20.87 22.07 -12.69
N LEU D 80 19.84 22.87 -12.45
CA LEU D 80 18.51 22.50 -12.94
C LEU D 80 18.49 22.53 -14.47
N GLN D 81 19.27 23.43 -15.07
CA GLN D 81 19.32 23.52 -16.52
C GLN D 81 19.93 22.24 -17.11
N CYS D 82 20.93 21.69 -16.45
CA CYS D 82 21.56 20.46 -16.90
C CYS D 82 20.48 19.38 -17.02
N VAL D 83 19.70 19.21 -15.96
CA VAL D 83 18.61 18.23 -15.93
C VAL D 83 17.64 18.52 -17.07
N ALA D 84 17.38 19.80 -17.28
CA ALA D 84 16.47 20.23 -18.33
C ALA D 84 16.97 19.92 -19.74
N SER D 85 18.28 20.04 -19.95
CA SER D 85 18.87 19.78 -21.26
C SER D 85 19.19 18.31 -21.54
N HIS D 86 19.56 17.54 -20.52
CA HIS D 86 19.91 16.15 -20.72
C HIS D 86 18.76 15.36 -21.30
N PRO D 87 19.00 14.63 -22.40
CA PRO D 87 17.93 13.84 -23.03
C PRO D 87 17.31 12.74 -22.16
N GLU D 88 18.09 12.22 -21.22
CA GLU D 88 17.61 11.17 -20.34
C GLU D 88 16.71 11.65 -19.20
N THR D 89 16.78 12.95 -18.88
CA THR D 89 15.96 13.48 -17.80
C THR D 89 14.99 14.59 -18.21
N ARG D 90 15.24 15.22 -19.36
CA ARG D 90 14.41 16.30 -19.83
C ARG D 90 12.90 16.07 -19.74
N SER D 91 12.44 14.90 -20.17
CA SER D 91 11.02 14.61 -20.14
C SER D 91 10.42 14.58 -18.74
N ALA D 92 11.14 14.01 -17.79
CA ALA D 92 10.65 13.94 -16.42
C ALA D 92 10.68 15.35 -15.83
N PHE D 93 11.66 16.14 -16.25
CA PHE D 93 11.80 17.53 -15.80
C PHE D 93 10.53 18.31 -16.14
N LEU D 94 10.11 18.21 -17.40
CA LEU D 94 8.91 18.88 -17.88
C LEU D 94 7.66 18.38 -17.16
N ALA D 95 7.52 17.06 -17.10
CA ALA D 95 6.38 16.44 -16.45
C ALA D 95 6.23 16.86 -14.99
N ALA D 96 7.35 17.19 -14.35
CA ALA D 96 7.32 17.61 -12.94
C ALA D 96 7.05 19.11 -12.82
N HIS D 97 6.79 19.76 -13.95
CA HIS D 97 6.52 21.19 -13.98
C HIS D 97 7.57 22.05 -13.29
N ILE D 98 8.82 21.60 -13.29
CA ILE D 98 9.89 22.34 -12.63
C ILE D 98 10.02 23.80 -13.05
N PRO D 99 9.84 24.10 -14.34
CA PRO D 99 9.95 25.51 -14.71
C PRO D 99 8.98 26.46 -13.99
N LEU D 100 7.84 25.95 -13.54
CA LEU D 100 6.87 26.80 -12.84
C LEU D 100 7.46 27.47 -11.60
N PHE D 101 8.45 26.82 -10.98
CA PHE D 101 9.07 27.36 -9.80
C PHE D 101 9.87 28.62 -10.10
N LEU D 102 10.23 28.81 -11.37
CA LEU D 102 11.02 29.98 -11.77
C LEU D 102 10.17 31.17 -12.19
N TYR D 103 8.88 30.94 -12.45
CA TYR D 103 8.01 32.03 -12.88
C TYR D 103 7.98 33.21 -11.92
N PRO D 104 7.87 32.95 -10.61
CA PRO D 104 7.86 34.10 -9.71
C PRO D 104 9.08 34.98 -9.96
N PHE D 105 10.17 34.36 -10.41
CA PHE D 105 11.39 35.12 -10.68
C PHE D 105 11.21 35.95 -11.94
N LEU D 106 10.71 35.30 -12.99
CA LEU D 106 10.51 35.97 -14.27
C LEU D 106 9.58 37.17 -14.13
N HIS D 107 8.68 37.13 -13.16
CA HIS D 107 7.71 38.19 -12.94
C HIS D 107 8.21 39.41 -12.17
N THR D 108 9.31 39.26 -11.43
CA THR D 108 9.83 40.37 -10.65
C THR D 108 10.13 41.56 -11.56
N VAL D 109 10.06 42.77 -11.01
CA VAL D 109 10.30 43.97 -11.80
C VAL D 109 11.52 44.81 -11.43
N SER D 110 12.02 44.65 -10.20
CA SER D 110 13.20 45.41 -9.77
C SER D 110 14.32 45.36 -10.81
N LYS D 111 14.98 46.50 -11.01
CA LYS D 111 16.06 46.61 -12.00
C LYS D 111 17.48 46.45 -11.45
N THR D 112 17.61 46.05 -10.19
CA THR D 112 18.94 45.86 -9.60
C THR D 112 19.69 44.73 -10.30
N ARG D 113 21.01 44.85 -10.33
CA ARG D 113 21.87 43.88 -10.97
C ARG D 113 21.56 42.42 -10.58
N PRO D 114 21.33 42.15 -9.29
CA PRO D 114 21.03 40.78 -8.88
C PRO D 114 19.72 40.22 -9.41
N PHE D 115 18.67 41.06 -9.46
CA PHE D 115 17.38 40.61 -9.96
C PHE D 115 17.41 40.37 -11.47
N GLU D 116 18.14 41.21 -12.19
CA GLU D 116 18.24 41.06 -13.63
C GLU D 116 18.97 39.75 -13.94
N TYR D 117 20.06 39.51 -13.22
CA TYR D 117 20.84 38.29 -13.42
C TYR D 117 19.97 37.08 -13.13
N LEU D 118 19.19 37.16 -12.06
CA LEU D 118 18.32 36.06 -11.69
C LEU D 118 17.34 35.73 -12.82
N ARG D 119 16.81 36.78 -13.46
CA ARG D 119 15.86 36.62 -14.54
C ARG D 119 16.50 36.08 -15.81
N LEU D 120 17.67 36.58 -16.14
CA LEU D 120 18.42 36.11 -17.30
C LEU D 120 18.70 34.62 -17.14
N THR D 121 19.23 34.26 -15.99
CA THR D 121 19.56 32.86 -15.70
C THR D 121 18.31 32.00 -15.72
N SER D 122 17.22 32.52 -15.15
CA SER D 122 15.96 31.79 -15.10
C SER D 122 15.50 31.61 -16.54
N LEU D 123 15.65 32.65 -17.33
CA LEU D 123 15.27 32.62 -18.74
C LEU D 123 16.08 31.54 -19.47
N GLY D 124 17.36 31.42 -19.12
CA GLY D 124 18.22 30.42 -19.74
C GLY D 124 17.71 29.00 -19.59
N VAL D 125 17.17 28.67 -18.42
CA VAL D 125 16.64 27.33 -18.19
C VAL D 125 15.52 27.04 -19.20
N ILE D 126 14.65 28.02 -19.43
CA ILE D 126 13.54 27.88 -20.37
C ILE D 126 14.05 27.88 -21.81
N GLY D 127 15.03 28.72 -22.10
CA GLY D 127 15.60 28.73 -23.44
C GLY D 127 16.27 27.39 -23.74
N ALA D 128 16.82 26.75 -22.70
CA ALA D 128 17.48 25.46 -22.88
C ALA D 128 16.45 24.42 -23.31
N LEU D 129 15.22 24.59 -22.83
CA LEU D 129 14.14 23.69 -23.17
C LEU D 129 13.75 23.82 -24.65
N VAL D 130 13.39 25.02 -25.06
CA VAL D 130 12.98 25.24 -26.45
C VAL D 130 14.07 25.00 -27.48
N LYS D 131 15.33 25.04 -27.03
CA LYS D 131 16.45 24.81 -27.94
C LYS D 131 16.40 23.39 -28.48
N THR D 132 15.62 22.54 -27.82
CA THR D 132 15.48 21.15 -28.24
C THR D 132 14.49 21.02 -29.38
N ASP D 133 13.59 21.99 -29.52
CA ASP D 133 12.56 21.97 -30.56
C ASP D 133 11.60 20.80 -30.35
N GLU D 134 11.73 20.14 -29.22
CA GLU D 134 10.85 19.03 -28.91
C GLU D 134 9.45 19.60 -28.77
N GLN D 135 8.50 18.99 -29.48
CA GLN D 135 7.11 19.44 -29.44
C GLN D 135 6.57 19.35 -28.01
N GLU D 136 7.23 18.55 -27.18
CA GLU D 136 6.82 18.37 -25.80
C GLU D 136 6.86 19.66 -24.97
N VAL D 137 7.93 20.44 -25.14
CA VAL D 137 8.10 21.67 -24.39
C VAL D 137 7.17 22.80 -24.82
N ILE D 138 6.99 22.99 -26.12
CA ILE D 138 6.13 24.06 -26.59
C ILE D 138 4.73 23.83 -26.04
N ASN D 139 4.33 22.58 -26.03
CA ASN D 139 3.01 22.22 -25.52
C ASN D 139 2.96 22.47 -24.01
N PHE D 140 4.07 22.24 -23.33
CA PHE D 140 4.12 22.49 -21.89
C PHE D 140 4.02 23.99 -21.65
N LEU D 141 4.81 24.76 -22.39
CA LEU D 141 4.82 26.20 -22.26
C LEU D 141 3.49 26.89 -22.53
N LEU D 142 2.80 26.47 -23.58
CA LEU D 142 1.53 27.10 -23.93
C LEU D 142 0.49 27.05 -22.83
N THR D 143 0.53 26.02 -22.01
CA THR D 143 -0.45 25.90 -20.93
C THR D 143 0.02 26.59 -19.65
N THR D 144 1.20 27.20 -19.69
CA THR D 144 1.76 27.85 -18.49
C THR D 144 1.82 29.36 -18.38
N GLU D 145 1.40 30.10 -19.39
CA GLU D 145 1.43 31.55 -19.28
C GLU D 145 2.88 32.11 -19.31
N ILE D 146 3.70 31.54 -20.19
CA ILE D 146 5.08 31.97 -20.32
C ILE D 146 5.20 33.21 -21.24
N ILE D 147 4.26 33.34 -22.18
CA ILE D 147 4.26 34.45 -23.12
C ILE D 147 4.17 35.81 -22.43
N PRO D 148 3.27 35.95 -21.44
CA PRO D 148 3.15 37.22 -20.74
C PRO D 148 4.46 37.57 -20.04
N LEU D 149 5.08 36.57 -19.41
CA LEU D 149 6.34 36.83 -18.72
C LEU D 149 7.43 37.21 -19.72
N CYS D 150 7.41 36.59 -20.90
CA CYS D 150 8.40 36.93 -21.90
C CYS D 150 8.15 38.35 -22.39
N LEU D 151 6.89 38.70 -22.62
CA LEU D 151 6.52 40.04 -23.07
C LEU D 151 6.92 41.11 -22.05
N ARG D 152 6.77 40.76 -20.77
CA ARG D 152 7.12 41.68 -19.68
C ARG D 152 8.62 41.97 -19.69
N ILE D 153 9.42 40.94 -19.94
CA ILE D 153 10.87 41.12 -19.97
C ILE D 153 11.26 41.81 -21.26
N MET D 154 10.56 41.50 -22.34
CA MET D 154 10.83 42.13 -23.63
C MET D 154 10.54 43.61 -23.51
N GLU D 155 9.59 43.94 -22.64
CA GLU D 155 9.16 45.32 -22.41
C GLU D 155 10.10 46.16 -21.52
N SER D 156 10.78 45.54 -20.57
CA SER D 156 11.66 46.32 -19.70
C SER D 156 13.01 45.72 -19.34
N GLY D 157 13.28 44.50 -19.78
CA GLY D 157 14.54 43.87 -19.43
C GLY D 157 15.80 44.46 -20.04
N SER D 158 16.94 43.87 -19.68
CA SER D 158 18.23 44.29 -20.21
C SER D 158 18.30 43.72 -21.61
N GLU D 159 19.23 44.23 -22.41
CA GLU D 159 19.39 43.76 -23.79
C GLU D 159 19.48 42.24 -23.81
N LEU D 160 20.29 41.71 -22.90
CA LEU D 160 20.51 40.28 -22.79
C LEU D 160 19.22 39.51 -22.53
N SER D 161 18.46 39.95 -21.53
CA SER D 161 17.21 39.28 -21.19
C SER D 161 16.15 39.41 -22.27
N LYS D 162 16.17 40.54 -22.97
CA LYS D 162 15.19 40.76 -24.02
C LYS D 162 15.47 39.82 -25.18
N THR D 163 16.74 39.64 -25.52
CA THR D 163 17.12 38.75 -26.61
C THR D 163 16.67 37.30 -26.34
N VAL D 164 16.92 36.81 -25.13
CA VAL D 164 16.51 35.45 -24.78
C VAL D 164 14.99 35.31 -24.69
N ALA D 165 14.32 36.30 -24.11
CA ALA D 165 12.86 36.27 -23.99
C ALA D 165 12.23 36.31 -25.38
N THR D 166 12.79 37.14 -26.26
CA THR D 166 12.28 37.24 -27.62
C THR D 166 12.55 35.91 -28.33
N PHE D 167 13.71 35.32 -28.10
CA PHE D 167 14.05 34.04 -28.73
C PHE D 167 13.03 32.97 -28.37
N ILE D 168 12.57 32.99 -27.12
CA ILE D 168 11.58 32.03 -26.65
C ILE D 168 10.22 32.29 -27.29
N LEU D 169 9.80 33.55 -27.33
CA LEU D 169 8.52 33.89 -27.93
C LEU D 169 8.56 33.52 -29.41
N GLN D 170 9.72 33.72 -30.03
CA GLN D 170 9.89 33.39 -31.46
C GLN D 170 9.69 31.89 -31.71
N LYS D 171 10.16 31.06 -30.78
CA LYS D 171 10.01 29.62 -30.93
C LYS D 171 8.55 29.24 -30.77
N ILE D 172 7.88 29.91 -29.85
CA ILE D 172 6.46 29.64 -29.61
C ILE D 172 5.65 30.08 -30.83
N LEU D 173 5.99 31.23 -31.41
CA LEU D 173 5.27 31.74 -32.58
C LEU D 173 5.47 30.84 -33.79
N LEU D 174 6.65 30.23 -33.90
CA LEU D 174 6.96 29.36 -35.04
C LEU D 174 6.11 28.11 -35.07
N ASP D 175 5.67 27.67 -33.89
CA ASP D 175 4.81 26.50 -33.78
C ASP D 175 3.45 27.01 -34.26
N ASP D 176 2.69 26.18 -34.95
CA ASP D 176 1.39 26.62 -35.46
C ASP D 176 0.40 26.90 -34.32
N THR D 177 0.38 26.03 -33.30
CA THR D 177 -0.54 26.22 -32.17
C THR D 177 -0.21 27.53 -31.45
N GLY D 178 1.07 27.85 -31.38
CA GLY D 178 1.50 29.07 -30.72
C GLY D 178 1.11 30.31 -31.50
N LEU D 179 1.17 30.24 -32.83
CA LEU D 179 0.81 31.38 -33.65
C LEU D 179 -0.68 31.61 -33.42
N ALA D 180 -1.45 30.53 -33.56
CA ALA D 180 -2.90 30.58 -33.37
C ALA D 180 -3.27 31.19 -32.02
N TYR D 181 -2.70 30.67 -30.95
CA TYR D 181 -2.95 31.14 -29.60
C TYR D 181 -2.66 32.64 -29.42
N ILE D 182 -1.53 33.11 -29.95
CA ILE D 182 -1.18 34.53 -29.81
C ILE D 182 -2.16 35.44 -30.55
N CYS D 183 -2.76 34.94 -31.63
CA CYS D 183 -3.68 35.75 -32.43
C CYS D 183 -5.17 35.46 -32.17
N GLN D 184 -5.45 34.64 -31.17
CA GLN D 184 -6.82 34.29 -30.85
C GLN D 184 -7.73 35.47 -30.46
N THR D 185 -7.16 36.51 -29.84
CA THR D 185 -7.95 37.67 -29.45
C THR D 185 -7.28 38.95 -29.92
N TYR D 186 -8.06 40.02 -30.07
CA TYR D 186 -7.51 41.29 -30.52
C TYR D 186 -6.55 41.81 -29.46
N GLU D 187 -6.90 41.59 -28.19
CA GLU D 187 -6.08 42.06 -27.07
C GLU D 187 -4.73 41.35 -27.05
N ARG D 188 -4.76 40.04 -27.28
CA ARG D 188 -3.52 39.27 -27.26
C ARG D 188 -2.60 39.69 -28.39
N PHE D 189 -3.12 39.74 -29.61
CA PHE D 189 -2.28 40.16 -30.72
C PHE D 189 -1.70 41.53 -30.42
N SER D 190 -2.57 42.46 -30.05
CA SER D 190 -2.20 43.85 -29.76
C SER D 190 -1.07 44.04 -28.75
N HIS D 191 -1.13 43.30 -27.66
CA HIS D 191 -0.11 43.37 -26.62
C HIS D 191 1.24 43.02 -27.24
N VAL D 192 1.29 41.89 -27.93
CA VAL D 192 2.52 41.46 -28.59
C VAL D 192 2.95 42.53 -29.58
N ALA D 193 2.03 42.91 -30.47
CA ALA D 193 2.32 43.92 -31.48
C ALA D 193 2.90 45.18 -30.84
N MET D 194 2.23 45.66 -29.80
CA MET D 194 2.67 46.87 -29.10
C MET D 194 4.05 46.78 -28.46
N ILE D 195 4.42 45.58 -27.99
CA ILE D 195 5.72 45.39 -27.37
C ILE D 195 6.86 45.36 -28.39
N LEU D 196 6.62 44.72 -29.54
CA LEU D 196 7.63 44.66 -30.59
C LEU D 196 7.81 46.08 -31.14
N GLY D 197 6.70 46.78 -31.35
CA GLY D 197 6.76 48.14 -31.84
C GLY D 197 7.62 48.98 -30.91
N LYS D 198 7.43 48.78 -29.61
CA LYS D 198 8.19 49.49 -28.60
C LYS D 198 9.67 49.18 -28.74
N MET D 199 9.98 47.90 -28.98
CA MET D 199 11.37 47.47 -29.14
C MET D 199 11.97 48.04 -30.41
N VAL D 200 11.22 47.97 -31.51
CA VAL D 200 11.72 48.49 -32.78
C VAL D 200 12.23 49.92 -32.61
N LEU D 201 11.43 50.75 -31.96
CA LEU D 201 11.77 52.14 -31.72
C LEU D 201 13.06 52.31 -30.92
N GLN D 202 13.18 51.53 -29.85
CA GLN D 202 14.37 51.57 -29.01
C GLN D 202 15.55 51.10 -29.83
N LEU D 203 15.29 50.11 -30.68
CA LEU D 203 16.30 49.52 -31.55
C LEU D 203 16.84 50.56 -32.54
N SER D 204 15.98 51.45 -33.03
CA SER D 204 16.40 52.48 -33.98
C SER D 204 17.29 53.49 -33.25
N LYS D 205 17.20 53.52 -31.93
CA LYS D 205 18.02 54.43 -31.13
C LYS D 205 19.29 53.73 -30.65
N GLU D 206 19.17 52.48 -30.26
CA GLU D 206 20.33 51.72 -29.78
C GLU D 206 20.38 50.37 -30.49
N PRO D 207 21.11 50.30 -31.63
CA PRO D 207 21.26 49.08 -32.42
C PRO D 207 21.54 47.81 -31.62
N SER D 208 21.21 46.69 -32.22
CA SER D 208 21.39 45.36 -31.62
C SER D 208 20.89 44.37 -32.66
N ALA D 209 21.77 44.01 -33.58
CA ALA D 209 21.42 43.08 -34.65
C ALA D 209 20.75 41.83 -34.14
N ARG D 210 21.38 41.19 -33.15
CA ARG D 210 20.84 39.96 -32.59
C ARG D 210 19.42 40.12 -32.10
N LEU D 211 19.13 41.22 -31.42
CA LEU D 211 17.79 41.46 -30.91
C LEU D 211 16.87 41.81 -32.08
N LEU D 212 17.34 42.66 -32.97
CA LEU D 212 16.58 43.05 -34.14
C LEU D 212 16.16 41.81 -34.93
N LYS D 213 17.11 40.90 -35.13
CA LYS D 213 16.87 39.65 -35.85
C LYS D 213 15.64 38.90 -35.36
N HIS D 214 15.56 38.70 -34.04
CA HIS D 214 14.43 37.99 -33.44
C HIS D 214 13.14 38.79 -33.55
N VAL D 215 13.24 40.10 -33.37
CA VAL D 215 12.07 40.97 -33.46
C VAL D 215 11.51 40.83 -34.88
N VAL D 216 12.38 41.01 -35.86
CA VAL D 216 12.00 40.88 -37.26
C VAL D 216 11.40 39.49 -37.52
N ARG D 217 12.03 38.44 -37.01
CA ARG D 217 11.51 37.10 -37.23
C ARG D 217 10.13 36.90 -36.61
N CYS D 218 9.87 37.56 -35.49
CA CYS D 218 8.57 37.45 -34.83
C CYS D 218 7.50 38.12 -35.70
N TYR D 219 7.78 39.33 -36.16
CA TYR D 219 6.84 40.05 -37.01
C TYR D 219 6.48 39.22 -38.22
N LEU D 220 7.51 38.68 -38.87
CA LEU D 220 7.34 37.84 -40.04
C LEU D 220 6.42 36.65 -39.75
N ARG D 221 6.69 35.92 -38.68
CA ARG D 221 5.85 34.78 -38.34
C ARG D 221 4.42 35.22 -38.02
N LEU D 222 4.28 36.37 -37.36
CA LEU D 222 2.97 36.89 -37.02
C LEU D 222 2.17 37.13 -38.30
N SER D 223 2.84 37.62 -39.34
CA SER D 223 2.16 37.91 -40.60
C SER D 223 1.64 36.68 -41.34
N ASP D 224 1.85 35.48 -40.77
CA ASP D 224 1.37 34.25 -41.39
C ASP D 224 -0.09 34.04 -40.99
N ASN D 225 -0.52 34.78 -39.98
CA ASN D 225 -1.90 34.70 -39.51
C ASN D 225 -2.68 35.87 -40.12
N PRO D 226 -3.74 35.58 -40.87
CA PRO D 226 -4.53 36.67 -41.46
C PRO D 226 -5.12 37.39 -40.26
N ARG D 227 -5.36 38.69 -40.39
CA ARG D 227 -5.89 39.50 -39.28
C ARG D 227 -4.67 40.12 -38.62
N ALA D 228 -3.73 39.29 -38.16
CA ALA D 228 -2.52 39.83 -37.56
C ALA D 228 -1.84 40.55 -38.73
N ARG D 229 -1.91 39.94 -39.90
CA ARG D 229 -1.34 40.51 -41.11
C ARG D 229 -2.06 41.82 -41.42
N GLU D 230 -3.39 41.77 -41.46
CA GLU D 230 -4.19 42.95 -41.76
C GLU D 230 -3.88 44.06 -40.77
N ALA D 231 -3.74 43.68 -39.49
CA ALA D 231 -3.45 44.66 -38.44
C ALA D 231 -2.06 45.26 -38.62
N LEU D 232 -1.06 44.41 -38.80
CA LEU D 232 0.30 44.87 -39.01
C LEU D 232 0.41 45.70 -40.27
N ARG D 233 -0.37 45.35 -41.29
CA ARG D 233 -0.33 46.10 -42.55
C ARG D 233 -0.49 47.58 -42.23
N GLN D 234 -1.39 47.87 -41.29
CA GLN D 234 -1.69 49.23 -40.90
C GLN D 234 -0.92 49.81 -39.72
N CYS D 235 -0.39 48.98 -38.84
CA CYS D 235 0.33 49.51 -37.68
C CYS D 235 1.84 49.23 -37.62
N LEU D 236 2.37 48.53 -38.63
CA LEU D 236 3.80 48.23 -38.63
C LEU D 236 4.56 49.54 -38.44
N PRO D 237 5.60 49.53 -37.58
CA PRO D 237 6.37 50.74 -37.34
C PRO D 237 7.03 51.27 -38.62
N ASP D 238 7.04 52.59 -38.76
CA ASP D 238 7.65 53.26 -39.92
C ASP D 238 9.11 52.84 -40.12
N GLN D 239 9.83 52.68 -39.02
CA GLN D 239 11.24 52.30 -39.06
C GLN D 239 11.50 50.95 -39.73
N LEU D 240 10.45 50.14 -39.91
CA LEU D 240 10.63 48.84 -40.54
C LEU D 240 10.35 48.81 -42.03
N LYS D 241 9.83 49.91 -42.57
CA LYS D 241 9.58 49.99 -44.00
C LYS D 241 10.50 51.06 -44.58
N ASP D 242 10.90 52.00 -43.72
CA ASP D 242 11.79 53.08 -44.14
C ASP D 242 13.20 52.56 -44.34
N THR D 243 14.18 53.44 -44.22
CA THR D 243 15.58 53.08 -44.41
C THR D 243 16.40 52.99 -43.12
N THR D 244 15.72 53.07 -41.98
CA THR D 244 16.39 53.04 -40.68
C THR D 244 17.42 51.92 -40.46
N PHE D 245 16.99 50.67 -40.54
CA PHE D 245 17.90 49.54 -40.30
C PHE D 245 18.66 49.07 -41.53
N ALA D 246 18.65 49.89 -42.59
CA ALA D 246 19.31 49.54 -43.83
C ALA D 246 20.80 49.22 -43.72
N GLN D 247 21.56 50.12 -43.10
CA GLN D 247 23.00 49.92 -42.95
C GLN D 247 23.39 48.74 -42.07
N VAL D 248 22.68 48.55 -40.96
CA VAL D 248 22.99 47.46 -40.04
C VAL D 248 22.71 46.09 -40.64
N LEU D 249 21.61 45.96 -41.37
CA LEU D 249 21.27 44.68 -41.96
C LEU D 249 22.20 44.34 -43.12
N LYS D 250 23.12 45.31 -43.49
CA LYS D 250 24.09 45.06 -44.55
C LYS D 250 24.90 43.80 -44.28
N ASP D 251 25.12 43.50 -43.01
CA ASP D 251 25.89 42.34 -42.61
C ASP D 251 25.01 41.18 -42.17
N ASP D 252 23.70 41.41 -42.10
CA ASP D 252 22.79 40.36 -41.68
C ASP D 252 21.86 40.04 -42.85
N THR D 253 22.31 39.17 -43.75
CA THR D 253 21.53 38.79 -44.92
C THR D 253 20.26 38.05 -44.54
N THR D 254 20.41 37.19 -43.62
CA THR D 254 19.25 36.44 -43.15
C THR D 254 18.12 37.38 -42.76
N THR D 255 18.36 38.21 -41.76
CA THR D 255 17.36 39.16 -41.27
C THR D 255 16.93 40.15 -42.36
N LYS D 256 17.91 40.60 -43.15
CA LYS D 256 17.65 41.52 -44.24
C LYS D 256 16.56 40.89 -45.11
N ARG D 257 16.72 39.59 -45.33
CA ARG D 257 15.80 38.79 -46.14
C ARG D 257 14.42 38.68 -45.49
N TRP D 258 14.40 38.37 -44.20
CA TRP D 258 13.15 38.24 -43.45
C TRP D 258 12.36 39.53 -43.45
N LEU D 259 13.05 40.65 -43.29
CA LEU D 259 12.38 41.94 -43.28
C LEU D 259 11.67 42.20 -44.62
N ALA D 260 12.35 41.88 -45.72
CA ALA D 260 11.77 42.07 -47.05
C ALA D 260 10.58 41.14 -47.21
N GLN D 261 10.65 39.97 -46.57
CA GLN D 261 9.56 39.01 -46.63
C GLN D 261 8.36 39.62 -45.90
N LEU D 262 8.60 40.16 -44.71
CA LEU D 262 7.54 40.79 -43.92
C LEU D 262 6.89 41.87 -44.77
N VAL D 263 7.70 42.85 -45.17
CA VAL D 263 7.24 43.96 -45.99
C VAL D 263 6.38 43.47 -47.15
N LYS D 264 6.85 42.44 -47.84
CA LYS D 264 6.14 41.88 -48.98
C LYS D 264 4.81 41.24 -48.57
N ASN D 265 4.85 40.40 -47.54
CA ASN D 265 3.65 39.71 -47.06
C ASN D 265 2.50 40.64 -46.68
N LEU D 266 2.84 41.79 -46.09
CA LEU D 266 1.84 42.76 -45.66
C LEU D 266 1.02 43.35 -46.81
N GLN D 267 1.01 42.64 -47.93
CA GLN D 267 0.26 43.02 -49.12
C GLN D 267 -0.31 41.78 -49.79
N GLU D 268 -0.85 40.87 -48.97
CA GLU D 268 -1.46 39.63 -49.43
C GLU D 268 -2.97 39.80 -49.44
MN MN E . 7.35 -1.35 1.72
#